data_4KQK
#
_entry.id   4KQK
#
_cell.length_a   46.664
_cell.length_b   70.965
_cell.length_c   88.400
_cell.angle_alpha   90.000
_cell.angle_beta   91.080
_cell.angle_gamma   90.000
#
_symmetry.space_group_name_H-M   'P 1 21 1'
#
loop_
_entity.id
_entity.type
_entity.pdbx_description
1 polymer 'Nicotinate-nucleotide--dimethylbenzimidazole phosphoribosyltransferase'
2 non-polymer 'SULFATE ION'
3 non-polymer P-CRESOL
4 non-polymer 1,2-ETHANEDIOL
5 non-polymer GLYCEROL
6 water water
#
_entity_poly.entity_id   1
_entity_poly.type   'polypeptide(L)'
_entity_poly.pdbx_seq_one_letter_code
;MQTLHALLRDIPAPDAEAMARAQQHIDGLLKPPGSLGRLETLAVQLAGMPGLNGTPQVGEKAVLVMCADHGVWDEGVAVY
PKIVTAIMAANMTRGTTGVCVLAAQAGAKVHVIDVGIDAEPIPGVVNMRVARGCGNIAVGPAMSRLQAEALLLEVSRYTC
DLAQRGVTLFGVGEMGMANTTPAAAMVSVFTGSDAKEVVGIGANLPPSRIDNKVDVVRRAIAINQPNPRDGIDVLSKVGG
FDLVGMTGVMLGAARCGLPVLLDGFLSYSAALAACQIAPAVRPYLIPSHFSAEKGARIALAHLSMEPYLHMAMRLGEGSG
AALAMPIVEAACAMFHNMGELAASNIVLPEGNANAT
;
_entity_poly.pdbx_strand_id   A,B
#
loop_
_chem_comp.id
_chem_comp.type
_chem_comp.name
_chem_comp.formula
EDO non-polymer 1,2-ETHANEDIOL 'C2 H6 O2'
GOL non-polymer GLYCEROL 'C3 H8 O3'
PCR non-polymer P-CRESOL 'C7 H8 O'
SO4 non-polymer 'SULFATE ION' 'O4 S -2'
#
# COMPACT_ATOMS: atom_id res chain seq x y z
N THR A 3 29.02 -26.42 -1.04
CA THR A 3 27.67 -26.20 -1.60
C THR A 3 27.22 -24.73 -1.49
N LEU A 4 27.77 -23.93 -0.56
CA LEU A 4 27.45 -22.48 -0.53
C LEU A 4 27.98 -21.82 -1.79
N HIS A 5 29.22 -22.10 -2.17
CA HIS A 5 29.78 -21.60 -3.43
C HIS A 5 28.84 -21.94 -4.58
N ALA A 6 28.36 -23.18 -4.58
CA ALA A 6 27.52 -23.69 -5.66
C ALA A 6 26.17 -22.99 -5.69
N LEU A 7 25.55 -22.82 -4.51
CA LEU A 7 24.26 -22.09 -4.40
C LEU A 7 24.38 -20.71 -5.04
N LEU A 8 25.40 -19.97 -4.63
CA LEU A 8 25.59 -18.61 -5.10
C LEU A 8 25.80 -18.57 -6.60
N ARG A 9 26.66 -19.45 -7.09
CA ARG A 9 26.95 -19.55 -8.52
C ARG A 9 25.71 -19.83 -9.38
N ASP A 10 24.81 -20.68 -8.87
CA ASP A 10 23.66 -21.20 -9.63
C ASP A 10 22.31 -20.44 -9.43
N ILE A 11 22.36 -19.26 -8.83
CA ILE A 11 21.16 -18.41 -8.82
C ILE A 11 20.85 -18.07 -10.30
N PRO A 12 19.65 -18.36 -10.77
CA PRO A 12 19.36 -18.12 -12.16
C PRO A 12 19.13 -16.67 -12.49
N ALA A 13 19.44 -16.31 -13.73
CA ALA A 13 19.11 -15.02 -14.25
C ALA A 13 17.58 -15.00 -14.41
N PRO A 14 16.99 -13.83 -14.27
CA PRO A 14 15.56 -13.79 -14.57
C PRO A 14 15.30 -14.03 -16.06
N ASP A 15 14.06 -14.37 -16.32
CA ASP A 15 13.65 -14.77 -17.67
C ASP A 15 13.25 -13.53 -18.46
N ALA A 16 14.20 -12.92 -19.12
CA ALA A 16 13.98 -11.69 -19.83
C ALA A 16 12.97 -11.84 -20.96
N GLU A 17 12.90 -13.02 -21.58
CA GLU A 17 11.99 -13.24 -22.66
C GLU A 17 10.55 -13.31 -22.18
N ALA A 18 10.32 -13.96 -21.05
CA ALA A 18 8.98 -13.97 -20.40
C ALA A 18 8.59 -12.56 -20.00
N MET A 19 9.56 -11.78 -19.56
CA MET A 19 9.28 -10.39 -19.16
C MET A 19 8.84 -9.57 -20.35
N ALA A 20 9.47 -9.76 -21.49
CA ALA A 20 9.08 -9.01 -22.68
C ALA A 20 7.69 -9.41 -23.14
N ARG A 21 7.34 -10.70 -23.12
CA ARG A 21 6.00 -11.14 -23.42
C ARG A 21 4.97 -10.56 -22.43
N ALA A 22 5.34 -10.49 -21.16
CA ALA A 22 4.49 -9.91 -20.12
C ALA A 22 4.22 -8.43 -20.39
N GLN A 23 5.23 -7.69 -20.82
CA GLN A 23 5.01 -6.26 -21.12
C GLN A 23 4.00 -6.11 -22.19
N GLN A 24 4.12 -6.93 -23.23
CA GLN A 24 3.26 -6.80 -24.39
C GLN A 24 1.81 -7.15 -24.03
N HIS A 25 1.65 -8.15 -23.18
CA HIS A 25 0.35 -8.54 -22.73
C HIS A 25 -0.28 -7.43 -21.88
N ILE A 26 0.47 -6.89 -20.95
CA ILE A 26 -0.05 -5.81 -20.06
C ILE A 26 -0.41 -4.56 -20.89
N ASP A 27 0.32 -4.24 -21.94
CA ASP A 27 0.00 -3.07 -22.76
C ASP A 27 -1.32 -3.26 -23.49
N GLY A 28 -1.74 -4.49 -23.75
CA GLY A 28 -2.98 -4.78 -24.46
C GLY A 28 -4.21 -4.87 -23.57
N LEU A 29 -4.03 -4.76 -22.24
CA LEU A 29 -5.15 -4.88 -21.30
C LEU A 29 -6.03 -3.65 -21.39
N LEU A 30 -7.21 -3.79 -20.83
CA LEU A 30 -8.30 -2.82 -20.98
C LEU A 30 -8.13 -1.56 -20.14
N LYS A 31 -7.21 -0.72 -20.55
CA LYS A 31 -6.80 0.48 -19.84
C LYS A 31 -5.87 1.29 -20.72
N PRO A 32 -5.71 2.58 -20.45
CA PRO A 32 -4.62 3.32 -21.12
C PRO A 32 -3.24 2.74 -20.84
N PRO A 33 -2.42 2.56 -21.88
CA PRO A 33 -1.14 1.96 -21.57
C PRO A 33 -0.40 2.71 -20.48
N GLY A 34 0.22 1.96 -19.57
CA GLY A 34 1.00 2.51 -18.49
C GLY A 34 0.21 2.92 -17.25
N SER A 35 -1.10 2.88 -17.35
CA SER A 35 -1.95 3.50 -16.30
C SER A 35 -2.01 2.75 -14.99
N LEU A 36 -1.58 1.50 -14.93
CA LEU A 36 -1.49 0.79 -13.66
C LEU A 36 -0.10 0.87 -13.04
N GLY A 37 0.78 1.70 -13.61
CA GLY A 37 2.01 2.12 -12.94
C GLY A 37 2.85 0.97 -12.44
N ARG A 38 3.17 1.00 -11.15
CA ARG A 38 4.07 0.04 -10.59
CA ARG A 38 4.05 0.04 -10.53
C ARG A 38 3.41 -1.32 -10.39
N LEU A 39 2.08 -1.42 -10.49
CA LEU A 39 1.48 -2.73 -10.55
C LEU A 39 1.90 -3.48 -11.81
N GLU A 40 2.00 -2.72 -12.91
CA GLU A 40 2.46 -3.29 -14.17
C GLU A 40 3.91 -3.74 -14.02
N THR A 41 4.80 -2.88 -13.54
CA THR A 41 6.20 -3.31 -13.42
C THR A 41 6.41 -4.46 -12.42
N LEU A 42 5.60 -4.53 -11.38
CA LEU A 42 5.64 -5.62 -10.45
C LEU A 42 5.22 -6.93 -11.17
N ALA A 43 4.17 -6.88 -11.98
CA ALA A 43 3.75 -8.05 -12.71
C ALA A 43 4.84 -8.53 -13.68
N VAL A 44 5.51 -7.63 -14.34
CA VAL A 44 6.58 -7.98 -15.26
C VAL A 44 7.75 -8.59 -14.46
N GLN A 45 8.09 -7.98 -13.34
CA GLN A 45 9.13 -8.53 -12.45
C GLN A 45 8.81 -9.98 -12.07
N LEU A 46 7.59 -10.25 -11.66
CA LEU A 46 7.15 -11.60 -11.31
C LEU A 46 7.25 -12.54 -12.48
N ALA A 47 6.83 -12.08 -13.68
CA ALA A 47 6.85 -12.91 -14.88
C ALA A 47 8.25 -13.42 -15.16
N GLY A 48 9.28 -12.68 -14.76
CA GLY A 48 10.63 -13.13 -15.03
C GLY A 48 11.22 -14.06 -13.99
N MET A 49 10.51 -14.37 -12.94
CA MET A 49 11.04 -15.22 -11.89
C MET A 49 10.87 -16.69 -12.28
N PRO A 50 12.00 -17.42 -12.50
CA PRO A 50 11.89 -18.76 -13.09
C PRO A 50 11.16 -19.81 -12.30
N GLY A 51 10.98 -19.58 -11.00
CA GLY A 51 10.19 -20.46 -10.19
C GLY A 51 8.70 -20.36 -10.37
N LEU A 52 8.25 -19.29 -11.05
CA LEU A 52 6.83 -19.10 -11.39
C LEU A 52 6.64 -19.65 -12.81
N ASN A 53 5.45 -19.49 -13.39
CA ASN A 53 5.09 -20.17 -14.66
C ASN A 53 5.20 -19.31 -15.91
N GLY A 54 6.18 -18.40 -15.93
CA GLY A 54 6.37 -17.46 -17.04
C GLY A 54 5.45 -16.27 -16.96
N THR A 55 4.73 -16.18 -15.85
CA THR A 55 3.62 -15.29 -15.73
C THR A 55 3.56 -14.85 -14.26
N PRO A 56 2.95 -13.68 -13.92
CA PRO A 56 2.76 -13.54 -12.48
C PRO A 56 1.83 -14.64 -11.97
N GLN A 57 2.20 -15.20 -10.84
CA GLN A 57 1.54 -16.35 -10.22
C GLN A 57 1.72 -16.23 -8.73
N VAL A 58 0.66 -16.49 -7.97
CA VAL A 58 0.78 -16.66 -6.52
C VAL A 58 0.03 -17.89 -6.08
N GLY A 59 0.76 -18.88 -5.57
CA GLY A 59 0.20 -20.08 -4.94
C GLY A 59 0.23 -19.88 -3.43
N GLU A 60 0.94 -20.75 -2.70
CA GLU A 60 1.08 -20.62 -1.25
C GLU A 60 2.11 -19.55 -0.89
N LYS A 61 1.93 -19.01 0.32
CA LYS A 61 2.70 -17.87 0.82
C LYS A 61 3.23 -18.21 2.18
N ALA A 62 4.49 -17.87 2.44
CA ALA A 62 5.10 -18.16 3.71
C ALA A 62 5.93 -16.95 4.18
N VAL A 63 5.79 -16.62 5.47
CA VAL A 63 6.64 -15.64 6.13
C VAL A 63 7.57 -16.39 7.09
N LEU A 64 8.88 -16.22 6.89
CA LEU A 64 9.88 -16.87 7.66
C LEU A 64 10.43 -15.90 8.65
N VAL A 65 10.21 -16.17 9.92
CA VAL A 65 10.56 -15.26 10.97
C VAL A 65 11.77 -15.81 11.76
N MET A 66 12.87 -15.09 11.69
CA MET A 66 14.16 -15.56 12.21
C MET A 66 14.40 -14.98 13.59
N CYS A 67 14.54 -15.83 14.61
CA CYS A 67 14.54 -15.41 16.02
C CYS A 67 15.87 -15.70 16.64
N ALA A 68 16.43 -14.70 17.31
CA ALA A 68 17.70 -14.89 17.99
C ALA A 68 17.95 -13.81 19.00
N ASP A 69 18.82 -14.09 19.97
CA ASP A 69 19.27 -13.09 20.87
C ASP A 69 20.70 -12.64 20.50
N HIS A 70 21.09 -11.50 21.08
CA HIS A 70 22.30 -10.78 20.75
C HIS A 70 23.08 -10.42 22.01
N GLY A 71 24.35 -10.79 22.02
CA GLY A 71 25.28 -10.35 23.05
C GLY A 71 25.27 -8.89 23.35
N VAL A 72 25.09 -8.05 22.32
CA VAL A 72 25.18 -6.61 22.45
C VAL A 72 24.04 -6.00 23.25
N TRP A 73 23.02 -6.80 23.53
CA TRP A 73 22.02 -6.37 24.50
C TRP A 73 22.70 -5.96 25.82
N ASP A 74 23.84 -6.58 26.16
CA ASP A 74 24.57 -6.24 27.36
C ASP A 74 25.08 -4.81 27.40
N GLU A 75 25.13 -4.13 26.26
CA GLU A 75 25.61 -2.75 26.21
C GLU A 75 24.52 -1.70 26.46
N GLY A 76 23.32 -2.13 26.78
CA GLY A 76 22.27 -1.21 27.15
C GLY A 76 21.58 -0.51 25.98
N VAL A 77 21.64 -1.15 24.81
CA VAL A 77 21.09 -0.57 23.58
C VAL A 77 19.61 -0.90 23.31
N ALA A 78 18.99 -1.67 24.22
CA ALA A 78 17.57 -2.07 24.12
C ALA A 78 16.83 -1.84 25.43
N VAL A 79 15.58 -1.41 25.34
CA VAL A 79 14.79 -1.08 26.54
C VAL A 79 14.07 -2.32 27.08
N TYR A 80 13.87 -3.35 26.27
CA TYR A 80 13.11 -4.50 26.75
C TYR A 80 14.01 -5.60 27.31
N PRO A 81 13.56 -6.35 28.33
CA PRO A 81 14.29 -7.49 28.86
C PRO A 81 14.62 -8.52 27.82
N LYS A 82 15.77 -9.14 28.01
CA LYS A 82 16.26 -10.15 27.11
C LYS A 82 15.21 -11.23 26.79
N ILE A 83 14.51 -11.68 27.83
CA ILE A 83 13.56 -12.77 27.68
C ILE A 83 12.40 -12.45 26.70
N VAL A 84 12.16 -11.18 26.34
CA VAL A 84 11.08 -10.87 25.41
C VAL A 84 11.27 -11.60 24.05
N THR A 85 12.51 -11.79 23.58
CA THR A 85 12.69 -12.54 22.33
C THR A 85 12.01 -13.92 22.45
N ALA A 86 12.33 -14.64 23.54
CA ALA A 86 11.79 -15.99 23.75
C ALA A 86 10.27 -15.97 23.93
N ILE A 87 9.76 -14.96 24.64
CA ILE A 87 8.32 -14.83 24.85
C ILE A 87 7.61 -14.61 23.54
N MET A 88 8.17 -13.74 22.74
CA MET A 88 7.59 -13.44 21.44
C MET A 88 7.67 -14.60 20.45
N ALA A 89 8.77 -15.35 20.43
CA ALA A 89 8.84 -16.58 19.62
C ALA A 89 7.74 -17.56 20.00
N ALA A 90 7.52 -17.72 21.29
CA ALA A 90 6.45 -18.61 21.76
C ALA A 90 5.09 -18.06 21.35
N ASN A 91 4.90 -16.75 21.43
CA ASN A 91 3.64 -16.17 20.98
C ASN A 91 3.40 -16.31 19.48
N MET A 92 4.45 -16.31 18.69
CA MET A 92 4.38 -16.64 17.28
CA MET A 92 4.33 -16.72 17.29
C MET A 92 3.75 -18.01 17.03
N THR A 93 4.00 -18.97 17.88
CA THR A 93 3.38 -20.28 17.68
C THR A 93 1.89 -20.28 18.05
N ARG A 94 1.43 -19.27 18.82
CA ARG A 94 0.04 -19.14 19.27
C ARG A 94 -0.80 -18.21 18.35
N GLY A 95 -0.18 -17.52 17.39
CA GLY A 95 -0.92 -16.73 16.44
C GLY A 95 -1.32 -15.35 16.92
N THR A 96 -0.69 -14.85 17.98
CA THR A 96 -1.12 -13.63 18.65
C THR A 96 -0.26 -12.39 18.33
N THR A 97 0.81 -12.56 17.54
CA THR A 97 1.69 -11.45 17.19
C THR A 97 1.18 -10.71 15.96
N GLY A 98 1.75 -9.51 15.75
CA GLY A 98 1.43 -8.69 14.60
C GLY A 98 1.64 -9.43 13.28
N VAL A 99 2.79 -10.05 13.10
CA VAL A 99 3.00 -10.80 11.88
C VAL A 99 2.00 -11.96 11.74
N CYS A 100 1.65 -12.64 12.82
CA CYS A 100 0.70 -13.75 12.70
C CYS A 100 -0.66 -13.27 12.19
N VAL A 101 -1.13 -12.20 12.78
CA VAL A 101 -2.43 -11.68 12.44
CA VAL A 101 -2.43 -11.68 12.42
C VAL A 101 -2.47 -11.15 11.01
N LEU A 102 -1.41 -10.50 10.58
CA LEU A 102 -1.37 -10.01 9.22
C LEU A 102 -1.13 -11.10 8.20
N ALA A 103 -0.30 -12.06 8.52
CA ALA A 103 -0.15 -13.25 7.66
C ALA A 103 -1.47 -14.01 7.51
N ALA A 104 -2.18 -14.21 8.62
CA ALA A 104 -3.48 -14.88 8.56
C ALA A 104 -4.40 -14.13 7.62
N GLN A 105 -4.43 -12.81 7.72
CA GLN A 105 -5.30 -12.02 6.86
C GLN A 105 -4.90 -12.18 5.40
N ALA A 106 -3.62 -12.34 5.12
CA ALA A 106 -3.10 -12.48 3.77
C ALA A 106 -3.14 -13.89 3.23
N GLY A 107 -3.54 -14.84 4.07
CA GLY A 107 -3.53 -16.26 3.68
C GLY A 107 -2.17 -16.90 3.62
N ALA A 108 -1.23 -16.41 4.43
CA ALA A 108 0.12 -16.92 4.45
C ALA A 108 0.38 -17.71 5.72
N LYS A 109 1.32 -18.65 5.67
CA LYS A 109 1.76 -19.39 6.87
C LYS A 109 3.03 -18.77 7.46
N VAL A 110 3.11 -18.69 8.79
CA VAL A 110 4.30 -18.19 9.46
C VAL A 110 5.15 -19.37 9.89
N HIS A 111 6.42 -19.36 9.49
CA HIS A 111 7.40 -20.32 9.97
C HIS A 111 8.30 -19.60 10.94
N VAL A 112 8.27 -20.03 12.20
CA VAL A 112 9.04 -19.42 13.26
C VAL A 112 10.31 -20.24 13.40
N ILE A 113 11.45 -19.63 13.17
CA ILE A 113 12.73 -20.32 13.16
C ILE A 113 13.65 -19.75 14.23
N ASP A 114 14.06 -20.61 15.17
CA ASP A 114 15.01 -20.25 16.20
C ASP A 114 16.40 -20.47 15.67
N VAL A 115 17.08 -19.36 15.32
CA VAL A 115 18.45 -19.46 14.90
C VAL A 115 19.43 -19.14 16.02
N GLY A 116 18.94 -18.84 17.23
CA GLY A 116 19.82 -18.66 18.36
C GLY A 116 19.25 -17.84 19.52
N ILE A 117 18.08 -18.22 20.01
CA ILE A 117 17.47 -17.54 21.15
C ILE A 117 18.23 -17.98 22.42
N ASP A 118 18.42 -17.06 23.39
CA ASP A 118 19.18 -17.34 24.61
C ASP A 118 18.17 -17.75 25.66
N ALA A 119 17.60 -18.93 25.45
CA ALA A 119 16.57 -19.48 26.31
C ALA A 119 16.47 -20.97 26.02
N GLU A 120 15.71 -21.67 26.84
CA GLU A 120 15.45 -23.06 26.51
C GLU A 120 14.67 -23.20 25.22
N PRO A 121 14.84 -24.33 24.55
CA PRO A 121 14.11 -24.51 23.30
C PRO A 121 12.60 -24.41 23.50
N ILE A 122 11.93 -23.88 22.48
CA ILE A 122 10.51 -23.58 22.55
C ILE A 122 9.79 -24.60 21.68
N PRO A 123 8.88 -25.41 22.27
CA PRO A 123 8.20 -26.32 21.34
C PRO A 123 7.30 -25.58 20.33
N GLY A 124 7.32 -26.05 19.09
CA GLY A 124 6.55 -25.45 17.98
C GLY A 124 7.40 -24.58 17.08
N VAL A 125 8.64 -24.38 17.49
CA VAL A 125 9.59 -23.53 16.76
C VAL A 125 10.63 -24.43 16.07
N VAL A 126 10.96 -24.12 14.83
CA VAL A 126 12.00 -24.86 14.08
C VAL A 126 13.35 -24.59 14.73
N ASN A 127 14.04 -25.65 15.11
CA ASN A 127 15.37 -25.50 15.69
C ASN A 127 16.44 -25.44 14.63
N MET A 128 17.03 -24.27 14.47
CA MET A 128 18.26 -24.12 13.77
C MET A 128 19.23 -23.33 14.67
N ARG A 129 19.25 -23.67 15.97
CA ARG A 129 19.90 -22.82 16.99
C ARG A 129 21.44 -22.90 16.92
N VAL A 130 22.09 -21.81 16.54
CA VAL A 130 23.55 -21.80 16.44
C VAL A 130 24.20 -21.78 17.82
N ALA A 131 23.65 -20.95 18.70
CA ALA A 131 24.09 -20.84 20.07
C ALA A 131 23.05 -20.10 20.85
N ARG A 132 23.21 -19.99 22.16
CA ARG A 132 22.30 -19.23 23.03
CA ARG A 132 22.30 -19.22 23.01
C ARG A 132 22.66 -17.74 22.99
N GLY A 133 22.25 -17.06 21.92
CA GLY A 133 22.66 -15.70 21.63
C GLY A 133 23.98 -15.67 20.91
N CYS A 134 24.17 -14.67 20.08
CA CYS A 134 25.45 -14.48 19.40
C CYS A 134 26.39 -13.68 20.29
N GLY A 135 27.63 -13.61 19.84
CA GLY A 135 28.61 -12.85 20.56
C GLY A 135 28.28 -11.39 20.57
N ASN A 136 28.73 -10.71 21.61
CA ASN A 136 28.55 -9.30 21.77
C ASN A 136 29.41 -8.56 20.76
N ILE A 137 28.82 -7.99 19.72
CA ILE A 137 29.57 -7.41 18.62
C ILE A 137 30.43 -6.22 19.03
N ALA A 138 30.11 -5.58 20.16
CA ALA A 138 30.91 -4.48 20.65
C ALA A 138 32.30 -4.93 21.10
N VAL A 139 32.50 -6.21 21.40
CA VAL A 139 33.79 -6.64 21.97
C VAL A 139 34.48 -7.71 21.16
N GLY A 140 33.86 -8.18 20.09
CA GLY A 140 34.36 -9.25 19.29
C GLY A 140 33.31 -9.65 18.27
N PRO A 141 33.52 -10.76 17.57
CA PRO A 141 32.57 -11.08 16.47
C PRO A 141 31.28 -11.69 17.00
N ALA A 142 30.20 -11.56 16.21
CA ALA A 142 28.97 -12.26 16.55
C ALA A 142 29.11 -13.76 16.49
N MET A 143 29.89 -14.27 15.52
CA MET A 143 30.03 -15.69 15.30
C MET A 143 31.26 -15.94 14.40
N SER A 144 31.61 -17.20 14.22
CA SER A 144 32.69 -17.54 13.30
C SER A 144 32.19 -17.49 11.87
N ARG A 145 33.11 -17.32 10.92
CA ARG A 145 32.73 -17.37 9.50
C ARG A 145 32.07 -18.71 9.16
N LEU A 146 32.59 -19.80 9.68
CA LEU A 146 32.00 -21.12 9.43
C LEU A 146 30.57 -21.18 9.93
N GLN A 147 30.31 -20.56 11.09
CA GLN A 147 28.95 -20.55 11.64
C GLN A 147 27.99 -19.78 10.74
N ALA A 148 28.45 -18.63 10.24
CA ALA A 148 27.61 -17.83 9.32
C ALA A 148 27.36 -18.60 8.02
N GLU A 149 28.38 -19.23 7.43
CA GLU A 149 28.16 -19.98 6.19
C GLU A 149 27.25 -21.17 6.38
N ALA A 150 27.43 -21.88 7.49
CA ALA A 150 26.60 -23.04 7.75
C ALA A 150 25.11 -22.68 7.88
N LEU A 151 24.85 -21.55 8.55
CA LEU A 151 23.47 -21.12 8.80
C LEU A 151 22.87 -20.57 7.50
N LEU A 152 23.64 -19.84 6.73
CA LEU A 152 23.18 -19.44 5.38
C LEU A 152 22.72 -20.66 4.58
N LEU A 153 23.54 -21.71 4.52
CA LEU A 153 23.17 -22.93 3.79
C LEU A 153 21.94 -23.66 4.37
N GLU A 154 21.86 -23.75 5.68
CA GLU A 154 20.73 -24.42 6.28
C GLU A 154 19.41 -23.69 6.00
N VAL A 155 19.43 -22.36 6.14
CA VAL A 155 18.21 -21.59 5.95
C VAL A 155 17.83 -21.53 4.48
N SER A 156 18.81 -21.40 3.60
CA SER A 156 18.54 -21.42 2.15
CA SER A 156 18.51 -21.39 2.16
C SER A 156 17.88 -22.72 1.74
N ARG A 157 18.40 -23.83 2.27
CA ARG A 157 17.83 -25.13 1.94
C ARG A 157 16.42 -25.26 2.48
N TYR A 158 16.17 -24.82 3.71
CA TYR A 158 14.83 -24.88 4.27
C TYR A 158 13.83 -24.09 3.39
N THR A 159 14.30 -22.91 2.95
CA THR A 159 13.54 -22.01 2.09
C THR A 159 13.20 -22.64 0.75
N CYS A 160 14.19 -23.14 0.04
CA CYS A 160 13.90 -23.80 -1.25
C CYS A 160 13.10 -25.12 -1.10
N ASP A 161 13.19 -25.84 0.04
CA ASP A 161 12.28 -26.97 0.28
C ASP A 161 10.82 -26.58 0.35
N LEU A 162 10.53 -25.37 0.86
CA LEU A 162 9.17 -24.88 0.84
C LEU A 162 8.66 -24.70 -0.57
N ALA A 163 9.57 -24.29 -1.45
CA ALA A 163 9.30 -24.05 -2.85
C ALA A 163 8.92 -25.36 -3.47
N GLN A 164 9.68 -26.40 -3.17
CA GLN A 164 9.34 -27.74 -3.69
C GLN A 164 7.94 -28.15 -3.20
N ARG A 165 7.50 -27.62 -2.06
CA ARG A 165 6.15 -27.88 -1.50
C ARG A 165 5.04 -26.93 -1.95
N GLY A 166 5.33 -26.01 -2.87
CA GLY A 166 4.28 -25.16 -3.46
C GLY A 166 4.20 -23.72 -2.98
N VAL A 167 5.12 -23.32 -2.10
CA VAL A 167 5.22 -21.90 -1.74
C VAL A 167 5.81 -21.17 -2.95
N THR A 168 5.15 -20.07 -3.38
CA THR A 168 5.64 -19.28 -4.50
C THR A 168 6.02 -17.85 -4.11
N LEU A 169 5.71 -17.45 -2.87
CA LEU A 169 5.97 -16.09 -2.42
C LEU A 169 6.42 -16.14 -0.95
N PHE A 170 7.59 -15.56 -0.70
CA PHE A 170 8.12 -15.52 0.65
C PHE A 170 8.06 -14.13 1.20
N GLY A 171 8.02 -14.03 2.52
CA GLY A 171 8.31 -12.80 3.23
C GLY A 171 9.33 -13.11 4.29
N VAL A 172 10.11 -12.12 4.70
CA VAL A 172 11.13 -12.33 5.71
C VAL A 172 10.88 -11.45 6.92
N GLY A 173 11.15 -11.97 8.09
CA GLY A 173 11.02 -11.22 9.30
C GLY A 173 11.99 -11.71 10.35
N GLU A 174 11.90 -11.12 11.51
CA GLU A 174 12.84 -11.40 12.57
C GLU A 174 12.25 -11.04 13.91
N MET A 175 12.86 -11.57 14.96
CA MET A 175 12.55 -11.22 16.34
C MET A 175 13.84 -11.37 17.12
N GLY A 176 14.26 -10.31 17.79
CA GLY A 176 15.52 -10.35 18.49
C GLY A 176 15.75 -9.04 19.19
N MET A 177 15.72 -9.05 20.52
CA MET A 177 15.98 -7.85 21.26
C MET A 177 17.41 -7.35 21.02
N ALA A 178 17.53 -6.07 20.74
CA ALA A 178 18.81 -5.33 20.44
C ALA A 178 19.23 -5.48 19.01
N ASN A 179 18.44 -6.15 18.17
CA ASN A 179 18.89 -6.43 16.83
C ASN A 179 18.95 -5.25 15.89
N THR A 180 18.41 -4.09 16.25
CA THR A 180 18.62 -2.90 15.46
C THR A 180 20.04 -2.39 15.55
N THR A 181 20.82 -2.82 16.56
CA THR A 181 22.23 -2.42 16.71
C THR A 181 23.09 -3.07 15.60
N PRO A 182 23.10 -4.41 15.51
CA PRO A 182 23.86 -4.99 14.39
C PRO A 182 23.28 -4.58 13.02
N ALA A 183 21.96 -4.40 12.90
CA ALA A 183 21.40 -3.96 11.63
C ALA A 183 22.01 -2.64 11.23
N ALA A 184 22.12 -1.70 12.15
CA ALA A 184 22.71 -0.40 11.85
C ALA A 184 24.20 -0.51 11.53
N ALA A 185 24.91 -1.37 12.27
CA ALA A 185 26.32 -1.59 11.96
C ALA A 185 26.48 -2.11 10.53
N MET A 186 25.67 -3.07 10.10
CA MET A 186 25.82 -3.56 8.72
C MET A 186 25.50 -2.48 7.71
N VAL A 187 24.45 -1.69 7.95
CA VAL A 187 24.07 -0.67 7.02
C VAL A 187 25.20 0.35 6.92
N SER A 188 25.81 0.73 8.03
CA SER A 188 26.93 1.66 8.02
C SER A 188 28.08 1.09 7.19
N VAL A 189 28.40 -0.17 7.43
CA VAL A 189 29.53 -0.79 6.74
C VAL A 189 29.27 -0.89 5.24
N PHE A 190 28.09 -1.34 4.83
CA PHE A 190 27.83 -1.58 3.39
C PHE A 190 27.66 -0.28 2.60
N THR A 191 27.06 0.74 3.20
CA THR A 191 26.71 1.97 2.49
C THR A 191 27.76 3.07 2.67
N GLY A 192 28.65 2.89 3.63
CA GLY A 192 29.66 3.89 3.96
C GLY A 192 29.16 5.03 4.81
N SER A 193 27.93 4.95 5.29
CA SER A 193 27.34 5.99 6.10
C SER A 193 27.82 5.87 7.51
N ASP A 194 28.02 7.03 8.15
CA ASP A 194 28.41 7.10 9.53
C ASP A 194 27.33 6.45 10.39
N ALA A 195 27.73 5.77 11.45
CA ALA A 195 26.76 5.14 12.34
C ALA A 195 25.68 6.11 12.81
N LYS A 196 26.03 7.37 13.04
CA LYS A 196 25.05 8.39 13.48
C LYS A 196 23.88 8.62 12.53
N GLU A 197 24.13 8.44 11.23
CA GLU A 197 23.08 8.64 10.24
C GLU A 197 22.07 7.49 10.21
N VAL A 198 22.42 6.33 10.78
CA VAL A 198 21.57 5.14 10.56
C VAL A 198 21.09 4.46 11.84
N VAL A 199 21.41 5.04 13.00
CA VAL A 199 20.99 4.46 14.28
C VAL A 199 19.73 5.14 14.74
N GLY A 200 18.66 4.35 14.96
CA GLY A 200 17.41 4.89 15.47
C GLY A 200 16.98 4.35 16.82
N ILE A 201 15.73 4.64 17.17
CA ILE A 201 15.15 4.23 18.46
C ILE A 201 14.80 2.72 18.55
N GLY A 202 14.80 1.96 17.45
CA GLY A 202 14.43 0.55 17.57
C GLY A 202 13.09 0.44 18.26
N ALA A 203 13.02 -0.47 19.24
CA ALA A 203 11.80 -0.70 20.02
C ALA A 203 11.74 0.33 21.16
N ASN A 204 11.42 1.57 20.79
CA ASN A 204 11.22 2.69 21.73
C ASN A 204 12.36 2.98 22.71
N LEU A 205 13.60 2.89 22.23
CA LEU A 205 14.72 3.34 23.04
C LEU A 205 14.51 4.83 23.35
N PRO A 206 14.57 5.22 24.64
CA PRO A 206 14.52 6.65 24.93
C PRO A 206 15.63 7.44 24.19
N PRO A 207 15.29 8.61 23.64
CA PRO A 207 16.23 9.43 22.88
C PRO A 207 17.54 9.74 23.61
N SER A 208 17.47 9.86 24.94
CA SER A 208 18.66 10.07 25.75
C SER A 208 19.69 8.95 25.64
N ARG A 209 19.27 7.77 25.19
CA ARG A 209 20.14 6.61 25.09
C ARG A 209 20.71 6.34 23.68
N ILE A 210 20.37 7.18 22.71
CA ILE A 210 20.83 7.05 21.32
C ILE A 210 22.34 7.24 21.19
N ASP A 211 22.91 8.14 21.98
CA ASP A 211 24.35 8.38 21.92
C ASP A 211 25.17 7.14 22.26
N ASN A 212 24.80 6.46 23.34
CA ASN A 212 25.42 5.21 23.68
C ASN A 212 25.31 4.15 22.55
N LYS A 213 24.12 4.05 21.92
CA LYS A 213 23.91 3.10 20.84
C LYS A 213 24.83 3.40 19.61
N VAL A 214 25.00 4.67 19.28
CA VAL A 214 25.89 5.04 18.18
C VAL A 214 27.33 4.68 18.54
N ASP A 215 27.68 4.93 19.78
CA ASP A 215 29.02 4.53 20.26
C ASP A 215 29.28 3.01 20.19
N VAL A 216 28.26 2.20 20.53
CA VAL A 216 28.37 0.78 20.47
C VAL A 216 28.59 0.27 19.04
N VAL A 217 27.83 0.87 18.10
CA VAL A 217 27.93 0.50 16.70
C VAL A 217 29.32 0.80 16.19
N ARG A 218 29.83 1.98 16.52
CA ARG A 218 31.21 2.33 16.13
C ARG A 218 32.24 1.39 16.74
N ARG A 219 32.09 1.06 18.02
CA ARG A 219 32.97 0.08 18.66
C ARG A 219 32.96 -1.28 18.02
N ALA A 220 31.75 -1.77 17.66
CA ALA A 220 31.67 -3.05 16.98
C ALA A 220 32.44 -3.03 15.65
N ILE A 221 32.24 -1.94 14.91
CA ILE A 221 32.89 -1.81 13.61
C ILE A 221 34.42 -1.77 13.77
N ALA A 222 34.88 -1.06 14.79
CA ALA A 222 36.32 -0.93 15.02
C ALA A 222 37.00 -2.23 15.47
N ILE A 223 36.43 -2.92 16.44
CA ILE A 223 37.08 -4.14 16.92
C ILE A 223 37.08 -5.29 15.93
N ASN A 224 36.08 -5.34 15.04
CA ASN A 224 35.94 -6.44 14.15
C ASN A 224 36.53 -6.21 12.78
N GLN A 225 36.63 -4.95 12.36
CA GLN A 225 37.09 -4.62 10.99
C GLN A 225 36.37 -5.36 9.89
N PRO A 226 35.06 -5.22 9.87
CA PRO A 226 34.34 -5.91 8.84
C PRO A 226 34.72 -5.38 7.46
N ASN A 227 34.85 -6.27 6.50
CA ASN A 227 35.23 -5.87 5.15
C ASN A 227 33.98 -5.71 4.28
N PRO A 228 33.64 -4.45 3.90
CA PRO A 228 32.44 -4.21 3.06
C PRO A 228 32.39 -4.98 1.75
N ARG A 229 33.54 -5.42 1.25
CA ARG A 229 33.61 -6.21 0.02
C ARG A 229 33.32 -7.72 0.23
N ASP A 230 33.04 -8.10 1.47
CA ASP A 230 32.82 -9.49 1.81
C ASP A 230 31.61 -9.59 2.75
N GLY A 231 30.42 -9.83 2.18
CA GLY A 231 29.20 -9.72 2.96
C GLY A 231 29.12 -10.76 4.04
N ILE A 232 29.71 -11.93 3.82
CA ILE A 232 29.71 -12.99 4.80
C ILE A 232 30.62 -12.57 5.98
N ASP A 233 31.71 -11.86 5.70
CA ASP A 233 32.56 -11.32 6.76
C ASP A 233 31.81 -10.32 7.62
N VAL A 234 31.06 -9.45 6.99
CA VAL A 234 30.26 -8.45 7.68
C VAL A 234 29.19 -9.09 8.57
N LEU A 235 28.39 -10.00 8.01
CA LEU A 235 27.37 -10.78 8.77
C LEU A 235 28.00 -11.46 9.98
N SER A 236 29.12 -12.14 9.76
CA SER A 236 29.73 -12.91 10.85
C SER A 236 30.27 -12.02 11.99
N LYS A 237 30.77 -10.86 11.63
CA LYS A 237 31.44 -9.95 12.54
CA LYS A 237 31.43 -9.97 12.56
C LYS A 237 30.49 -9.04 13.30
N VAL A 238 29.68 -8.27 12.55
CA VAL A 238 28.81 -7.27 13.20
CA VAL A 238 28.80 -7.24 13.17
C VAL A 238 27.31 -7.47 12.90
N GLY A 239 26.98 -8.63 12.38
CA GLY A 239 25.58 -9.07 12.28
C GLY A 239 25.09 -9.83 13.51
N GLY A 240 24.23 -10.80 13.24
CA GLY A 240 23.71 -11.70 14.25
C GLY A 240 23.05 -12.86 13.54
N PHE A 241 22.57 -13.82 14.31
CA PHE A 241 22.01 -15.03 13.76
C PHE A 241 20.73 -14.75 12.98
N ASP A 242 19.87 -13.88 13.51
CA ASP A 242 18.66 -13.47 12.80
C ASP A 242 18.93 -12.83 11.45
N LEU A 243 19.91 -11.95 11.39
CA LEU A 243 20.28 -11.26 10.15
C LEU A 243 20.88 -12.23 9.12
N VAL A 244 21.74 -13.13 9.58
CA VAL A 244 22.20 -14.23 8.73
C VAL A 244 21.01 -15.07 8.24
N GLY A 245 20.10 -15.43 9.12
CA GLY A 245 18.95 -16.22 8.68
C GLY A 245 18.12 -15.50 7.64
N MET A 246 17.89 -14.21 7.84
CA MET A 246 17.17 -13.44 6.83
C MET A 246 17.86 -13.45 5.47
N THR A 247 19.18 -13.21 5.47
CA THR A 247 19.94 -13.24 4.23
C THR A 247 19.80 -14.64 3.58
N GLY A 248 19.84 -15.70 4.40
CA GLY A 248 19.62 -17.05 3.90
C GLY A 248 18.30 -17.28 3.22
N VAL A 249 17.23 -16.66 3.73
CA VAL A 249 15.92 -16.80 3.05
C VAL A 249 15.97 -16.13 1.67
N MET A 250 16.61 -14.98 1.58
CA MET A 250 16.77 -14.28 0.29
C MET A 250 17.59 -15.08 -0.71
N LEU A 251 18.71 -15.65 -0.25
CA LEU A 251 19.53 -16.52 -1.10
C LEU A 251 18.75 -17.76 -1.53
N GLY A 252 18.02 -18.39 -0.61
CA GLY A 252 17.23 -19.57 -0.92
C GLY A 252 16.20 -19.24 -1.98
N ALA A 253 15.39 -18.22 -1.71
CA ALA A 253 14.32 -17.87 -2.62
C ALA A 253 14.91 -17.56 -3.99
N ALA A 254 16.02 -16.81 -4.05
CA ALA A 254 16.66 -16.46 -5.33
C ALA A 254 17.16 -17.70 -6.05
N ARG A 255 17.84 -18.58 -5.32
CA ARG A 255 18.29 -19.83 -5.94
C ARG A 255 17.13 -20.64 -6.56
N CYS A 256 15.99 -20.62 -5.88
CA CYS A 256 14.72 -21.25 -6.31
C CYS A 256 13.97 -20.44 -7.39
N GLY A 257 14.48 -19.26 -7.72
CA GLY A 257 13.84 -18.38 -8.73
C GLY A 257 12.53 -17.79 -8.29
N LEU A 258 12.39 -17.48 -6.99
CA LEU A 258 11.11 -17.05 -6.41
C LEU A 258 11.20 -15.72 -5.67
N PRO A 259 10.08 -15.01 -5.60
CA PRO A 259 10.07 -13.68 -5.01
C PRO A 259 10.07 -13.69 -3.49
N VAL A 260 10.73 -12.73 -2.89
CA VAL A 260 10.70 -12.55 -1.46
C VAL A 260 10.40 -11.06 -1.19
N LEU A 261 9.39 -10.84 -0.34
CA LEU A 261 9.05 -9.52 0.17
C LEU A 261 9.94 -9.18 1.38
N LEU A 262 10.53 -8.00 1.32
CA LEU A 262 11.23 -7.46 2.46
C LEU A 262 10.22 -6.92 3.48
N ASP A 263 10.72 -6.57 4.64
CA ASP A 263 9.96 -5.96 5.71
C ASP A 263 10.52 -4.54 5.97
N GLY A 264 11.14 -4.31 7.12
CA GLY A 264 11.69 -3.05 7.50
C GLY A 264 13.20 -3.03 7.56
N PHE A 265 13.74 -2.22 8.46
CA PHE A 265 15.15 -1.94 8.54
C PHE A 265 16.04 -3.16 8.74
N LEU A 266 15.67 -4.08 9.62
CA LEU A 266 16.43 -5.30 9.78
C LEU A 266 16.55 -6.05 8.43
N SER A 267 15.44 -6.16 7.73
CA SER A 267 15.42 -6.84 6.42
C SER A 267 16.20 -6.05 5.39
N TYR A 268 16.22 -4.71 5.44
CA TYR A 268 17.03 -3.92 4.46
C TYR A 268 18.51 -4.23 4.67
N SER A 269 18.91 -4.33 5.92
CA SER A 269 20.30 -4.61 6.24
CA SER A 269 20.29 -4.62 6.29
C SER A 269 20.70 -6.01 5.75
N ALA A 270 19.87 -7.01 5.97
CA ALA A 270 20.10 -8.37 5.44
C ALA A 270 20.09 -8.39 3.93
N ALA A 271 19.25 -7.58 3.29
CA ALA A 271 19.24 -7.52 1.83
C ALA A 271 20.52 -6.88 1.27
N LEU A 272 21.06 -5.88 1.94
CA LEU A 272 22.38 -5.28 1.56
C LEU A 272 23.45 -6.35 1.63
N ALA A 273 23.43 -7.20 2.66
CA ALA A 273 24.39 -8.30 2.71
C ALA A 273 24.17 -9.27 1.58
N ALA A 274 22.92 -9.70 1.35
CA ALA A 274 22.64 -10.71 0.36
C ALA A 274 23.07 -10.22 -1.02
N CYS A 275 22.86 -8.94 -1.33
CA CYS A 275 23.18 -8.44 -2.68
C CYS A 275 24.67 -8.19 -2.85
N GLN A 276 25.40 -7.98 -1.76
CA GLN A 276 26.87 -7.88 -1.83
C GLN A 276 27.42 -9.29 -2.08
N ILE A 277 26.90 -10.27 -1.36
CA ILE A 277 27.30 -11.68 -1.49
C ILE A 277 27.03 -12.19 -2.92
N ALA A 278 25.86 -11.88 -3.42
CA ALA A 278 25.41 -12.37 -4.73
C ALA A 278 24.46 -11.34 -5.36
N PRO A 279 24.99 -10.44 -6.20
CA PRO A 279 24.16 -9.47 -6.90
C PRO A 279 22.98 -10.07 -7.62
N ALA A 280 23.06 -11.33 -8.01
CA ALA A 280 21.94 -12.05 -8.67
C ALA A 280 20.68 -12.19 -7.81
N VAL A 281 20.82 -11.97 -6.51
CA VAL A 281 19.67 -11.98 -5.61
C VAL A 281 18.68 -10.84 -5.92
N ARG A 282 19.21 -9.73 -6.41
CA ARG A 282 18.45 -8.46 -6.42
C ARG A 282 17.12 -8.48 -7.17
N PRO A 283 17.07 -9.09 -8.35
CA PRO A 283 15.78 -9.15 -9.07
C PRO A 283 14.66 -9.93 -8.38
N TYR A 284 14.97 -10.71 -7.33
CA TYR A 284 13.98 -11.46 -6.61
C TYR A 284 13.38 -10.73 -5.42
N LEU A 285 14.01 -9.61 -5.03
CA LEU A 285 13.55 -8.85 -3.88
C LEU A 285 12.41 -7.92 -4.27
N ILE A 286 11.40 -7.86 -3.41
CA ILE A 286 10.31 -6.92 -3.55
C ILE A 286 10.17 -6.13 -2.23
N PRO A 287 10.24 -4.80 -2.31
CA PRO A 287 9.98 -4.06 -1.06
C PRO A 287 8.50 -4.14 -0.71
N SER A 288 8.21 -4.02 0.59
CA SER A 288 6.84 -3.92 1.08
C SER A 288 6.59 -2.48 1.46
N HIS A 289 7.10 -2.06 2.62
CA HIS A 289 6.84 -0.75 3.20
C HIS A 289 8.12 0.03 3.44
N PHE A 290 7.96 1.34 3.60
CA PHE A 290 9.06 2.24 3.95
C PHE A 290 9.01 2.41 5.47
N SER A 291 9.85 1.72 6.22
CA SER A 291 9.69 1.69 7.63
C SER A 291 10.09 3.04 8.26
N ALA A 292 9.57 3.25 9.47
CA ALA A 292 9.80 4.46 10.24
C ALA A 292 10.95 4.23 11.16
N GLU A 293 12.10 3.94 10.60
CA GLU A 293 13.33 3.70 11.33
C GLU A 293 14.32 4.65 10.70
N LYS A 294 15.16 5.25 11.52
CA LYS A 294 16.00 6.32 11.02
C LYS A 294 16.81 5.99 9.76
N GLY A 295 17.46 4.85 9.74
CA GLY A 295 18.34 4.46 8.63
C GLY A 295 17.64 3.87 7.42
N ALA A 296 16.32 3.86 7.43
CA ALA A 296 15.56 3.30 6.31
C ALA A 296 15.84 3.93 4.96
N ARG A 297 15.83 5.26 4.89
CA ARG A 297 16.05 5.96 3.62
C ARG A 297 17.38 5.56 2.99
N ILE A 298 18.45 5.59 3.79
CA ILE A 298 19.79 5.30 3.31
C ILE A 298 19.90 3.88 2.84
N ALA A 299 19.38 2.92 3.61
CA ALA A 299 19.44 1.53 3.19
C ALA A 299 18.69 1.30 1.87
N LEU A 300 17.47 1.84 1.81
CA LEU A 300 16.66 1.67 0.62
C LEU A 300 17.28 2.34 -0.61
N ALA A 301 17.94 3.47 -0.40
CA ALA A 301 18.60 4.16 -1.51
C ALA A 301 19.71 3.28 -2.06
N HIS A 302 20.47 2.63 -1.20
CA HIS A 302 21.54 1.76 -1.66
CA HIS A 302 21.55 1.74 -1.64
C HIS A 302 21.06 0.49 -2.36
N LEU A 303 19.84 0.06 -2.06
CA LEU A 303 19.21 -1.06 -2.75
C LEU A 303 18.42 -0.59 -4.00
N SER A 304 18.40 0.71 -4.27
CA SER A 304 17.57 1.30 -5.35
C SER A 304 16.12 0.83 -5.28
N MET A 305 15.55 0.94 -4.09
CA MET A 305 14.23 0.44 -3.79
C MET A 305 13.31 1.53 -3.35
N GLU A 306 12.09 1.46 -3.86
CA GLU A 306 11.04 2.42 -3.49
C GLU A 306 9.84 1.58 -3.02
N PRO A 307 9.66 1.52 -1.70
CA PRO A 307 8.54 0.70 -1.26
C PRO A 307 7.15 1.17 -1.73
N TYR A 308 6.22 0.22 -1.74
CA TYR A 308 4.83 0.49 -2.11
C TYR A 308 3.98 1.12 -1.03
N LEU A 309 4.31 0.85 0.20
CA LEU A 309 3.47 1.18 1.36
C LEU A 309 4.15 2.15 2.26
N HIS A 310 3.45 3.22 2.64
CA HIS A 310 4.00 4.22 3.55
C HIS A 310 3.12 4.26 4.79
N MET A 311 3.45 3.40 5.76
CA MET A 311 2.59 3.17 6.94
C MET A 311 3.21 3.65 8.24
N ALA A 312 4.37 4.30 8.20
CA ALA A 312 5.12 4.62 9.42
C ALA A 312 5.26 3.42 10.39
N MET A 313 5.37 2.23 9.82
CA MET A 313 5.45 0.99 10.60
C MET A 313 6.89 0.69 11.02
N ARG A 314 7.02 0.14 12.21
CA ARG A 314 8.34 -0.16 12.79
C ARG A 314 8.27 -1.31 13.76
N LEU A 315 7.36 -2.24 13.55
CA LEU A 315 7.21 -3.42 14.42
C LEU A 315 8.24 -4.49 14.09
N GLY A 316 8.52 -4.64 12.81
CA GLY A 316 9.34 -5.74 12.36
C GLY A 316 8.52 -7.01 12.30
N GLU A 317 9.19 -8.14 12.55
CA GLU A 317 8.59 -9.47 12.56
C GLU A 317 8.18 -10.04 11.22
N GLY A 318 8.32 -9.28 10.13
CA GLY A 318 7.71 -9.67 8.88
C GLY A 318 6.33 -9.05 8.63
N SER A 319 5.87 -8.23 9.56
CA SER A 319 4.53 -7.67 9.50
C SER A 319 4.31 -6.87 8.23
N GLY A 320 5.28 -6.10 7.80
CA GLY A 320 5.11 -5.32 6.57
C GLY A 320 5.12 -6.17 5.33
N ALA A 321 5.95 -7.20 5.33
CA ALA A 321 5.97 -8.16 4.23
C ALA A 321 4.58 -8.80 4.10
N ALA A 322 3.98 -9.25 5.22
CA ALA A 322 2.63 -9.84 5.18
C ALA A 322 1.61 -8.82 4.64
N LEU A 323 1.70 -7.60 5.11
CA LEU A 323 0.79 -6.53 4.69
C LEU A 323 0.83 -6.31 3.16
N ALA A 324 2.01 -6.49 2.54
CA ALA A 324 2.16 -6.27 1.09
C ALA A 324 1.81 -7.47 0.21
N MET A 325 1.59 -8.65 0.82
CA MET A 325 1.25 -9.82 0.00
C MET A 325 0.04 -9.61 -0.93
N PRO A 326 -1.01 -8.91 -0.49
CA PRO A 326 -2.15 -8.64 -1.40
C PRO A 326 -1.76 -7.79 -2.58
N ILE A 327 -0.71 -6.99 -2.45
CA ILE A 327 -0.27 -6.22 -3.60
C ILE A 327 0.27 -7.13 -4.70
N VAL A 328 1.06 -8.12 -4.29
CA VAL A 328 1.63 -9.07 -5.26
C VAL A 328 0.47 -9.83 -5.90
N GLU A 329 -0.49 -10.21 -5.09
CA GLU A 329 -1.68 -10.92 -5.66
C GLU A 329 -2.49 -10.03 -6.60
N ALA A 330 -2.51 -8.74 -6.33
CA ALA A 330 -3.23 -7.83 -7.19
C ALA A 330 -2.57 -7.73 -8.56
N ALA A 331 -1.24 -7.73 -8.57
CA ALA A 331 -0.53 -7.65 -9.85
C ALA A 331 -0.88 -8.91 -10.66
N CYS A 332 -0.93 -10.05 -10.00
CA CYS A 332 -1.30 -11.29 -10.68
CA CYS A 332 -1.29 -11.31 -10.65
C CYS A 332 -2.71 -11.25 -11.22
N ALA A 333 -3.63 -10.77 -10.39
CA ALA A 333 -5.04 -10.68 -10.79
C ALA A 333 -5.21 -9.78 -11.99
N MET A 334 -4.55 -8.61 -11.97
CA MET A 334 -4.56 -7.71 -13.13
C MET A 334 -4.15 -8.46 -14.38
N PHE A 335 -3.00 -9.12 -14.30
CA PHE A 335 -2.40 -9.74 -15.48
C PHE A 335 -3.30 -10.82 -16.03
N HIS A 336 -3.89 -11.64 -15.18
CA HIS A 336 -4.67 -12.79 -15.67
C HIS A 336 -6.14 -12.59 -15.86
N ASN A 337 -6.72 -11.61 -15.20
CA ASN A 337 -8.15 -11.50 -15.20
C ASN A 337 -8.69 -10.30 -15.98
N MET A 338 -7.86 -9.30 -16.27
CA MET A 338 -8.35 -8.16 -17.03
C MET A 338 -8.66 -8.54 -18.47
N GLY A 339 -9.66 -7.90 -19.04
CA GLY A 339 -9.94 -8.02 -20.44
C GLY A 339 -8.96 -7.23 -21.29
N GLU A 340 -9.15 -7.26 -22.61
CA GLU A 340 -8.21 -6.67 -23.52
C GLU A 340 -8.87 -5.61 -24.42
N LEU A 341 -8.10 -4.59 -24.73
CA LEU A 341 -8.52 -3.51 -25.61
C LEU A 341 -9.08 -4.07 -26.91
N ALA A 342 -8.35 -5.02 -27.51
CA ALA A 342 -8.78 -5.54 -28.83
C ALA A 342 -10.14 -6.19 -28.80
N ALA A 343 -10.53 -6.85 -27.71
CA ALA A 343 -11.86 -7.47 -27.66
C ALA A 343 -12.99 -6.45 -27.64
N SER A 344 -12.67 -5.20 -27.29
CA SER A 344 -13.66 -4.11 -27.37
C SER A 344 -13.44 -3.21 -28.57
N ASN A 345 -12.57 -3.62 -29.46
CA ASN A 345 -12.16 -2.81 -30.61
C ASN A 345 -11.67 -1.40 -30.30
N ILE A 346 -11.05 -1.23 -29.15
CA ILE A 346 -10.50 0.05 -28.78
C ILE A 346 -9.06 0.12 -29.29
N VAL A 347 -8.87 0.95 -30.31
CA VAL A 347 -7.56 1.18 -30.89
C VAL A 347 -7.43 2.67 -31.22
N LEU A 348 -6.33 3.29 -30.81
CA LEU A 348 -6.03 4.66 -31.15
C LEU A 348 -4.92 4.75 -32.17
N PRO A 349 -4.90 5.83 -32.95
CA PRO A 349 -3.76 6.02 -33.85
C PRO A 349 -2.44 6.14 -33.06
N THR B 3 -34.54 18.09 1.94
CA THR B 3 -34.04 16.76 2.39
C THR B 3 -32.52 16.69 2.24
N LEU B 4 -31.95 17.34 1.21
CA LEU B 4 -30.49 17.38 1.11
C LEU B 4 -29.92 18.18 2.29
N HIS B 5 -30.50 19.33 2.61
CA HIS B 5 -30.15 20.09 3.82
C HIS B 5 -30.18 19.21 5.07
N ALA B 6 -31.26 18.46 5.24
CA ALA B 6 -31.43 17.60 6.41
C ALA B 6 -30.37 16.52 6.45
N LEU B 7 -30.09 15.92 5.30
CA LEU B 7 -29.03 14.90 5.25
C LEU B 7 -27.70 15.48 5.70
N LEU B 8 -27.35 16.66 5.20
CA LEU B 8 -26.08 17.26 5.54
C LEU B 8 -26.02 17.56 7.03
N ARG B 9 -27.07 18.14 7.59
CA ARG B 9 -27.14 18.49 9.01
C ARG B 9 -26.98 17.27 9.94
N ASP B 10 -27.45 16.12 9.48
CA ASP B 10 -27.55 14.91 10.30
C ASP B 10 -26.35 13.95 10.18
N ILE B 11 -25.33 14.35 9.43
CA ILE B 11 -24.08 13.58 9.43
C ILE B 11 -23.51 13.56 10.84
N PRO B 12 -23.29 12.37 11.41
CA PRO B 12 -22.85 12.36 12.79
C PRO B 12 -21.40 12.79 12.97
N ALA B 13 -21.06 13.30 14.16
CA ALA B 13 -19.71 13.55 14.54
C ALA B 13 -19.05 12.21 14.85
N PRO B 14 -17.76 12.12 14.67
CA PRO B 14 -17.08 10.91 15.14
C PRO B 14 -17.19 10.77 16.64
N ASP B 15 -17.07 9.55 17.12
CA ASP B 15 -17.30 9.20 18.50
C ASP B 15 -16.02 9.24 19.29
N ALA B 16 -15.78 10.31 20.02
CA ALA B 16 -14.53 10.48 20.72
C ALA B 16 -14.30 9.39 21.77
N GLU B 17 -15.38 8.96 22.41
CA GLU B 17 -15.25 7.98 23.48
C GLU B 17 -14.77 6.67 22.89
N ALA B 18 -15.32 6.27 21.77
CA ALA B 18 -14.93 5.02 21.13
C ALA B 18 -13.46 5.10 20.68
N MET B 19 -13.06 6.27 20.20
CA MET B 19 -11.70 6.42 19.76
C MET B 19 -10.70 6.37 20.90
N ALA B 20 -11.06 6.93 22.02
CA ALA B 20 -10.21 6.84 23.22
C ALA B 20 -10.10 5.37 23.71
N ARG B 21 -11.22 4.64 23.69
CA ARG B 21 -11.20 3.21 24.07
C ARG B 21 -10.34 2.43 23.07
N ALA B 22 -10.44 2.75 21.78
CA ALA B 22 -9.63 2.07 20.77
C ALA B 22 -8.14 2.31 20.93
N GLN B 23 -7.77 3.55 21.18
CA GLN B 23 -6.37 3.86 21.42
C GLN B 23 -5.80 3.13 22.63
N GLN B 24 -6.55 3.12 23.72
CA GLN B 24 -6.10 2.40 24.91
C GLN B 24 -5.91 0.92 24.60
N HIS B 25 -6.84 0.32 23.86
CA HIS B 25 -6.71 -1.09 23.51
C HIS B 25 -5.43 -1.31 22.65
N ILE B 26 -5.24 -0.48 21.65
CA ILE B 26 -4.07 -0.62 20.76
C ILE B 26 -2.75 -0.46 21.52
N ASP B 27 -2.69 0.44 22.49
CA ASP B 27 -1.46 0.66 23.25
C ASP B 27 -1.11 -0.58 24.11
N GLY B 28 -2.09 -1.39 24.48
CA GLY B 28 -1.86 -2.61 25.26
C GLY B 28 -1.60 -3.87 24.46
N LEU B 29 -1.62 -3.78 23.12
CA LEU B 29 -1.32 -4.96 22.29
C LEU B 29 0.15 -5.37 22.40
N LEU B 30 0.42 -6.58 21.93
CA LEU B 30 1.71 -7.22 22.06
C LEU B 30 2.75 -6.67 21.08
N LYS B 31 3.25 -5.48 21.38
CA LYS B 31 4.13 -4.69 20.49
C LYS B 31 4.59 -3.43 21.22
N PRO B 32 5.68 -2.83 20.77
CA PRO B 32 6.05 -1.55 21.40
C PRO B 32 4.98 -0.50 21.08
N PRO B 33 4.62 0.35 22.04
CA PRO B 33 3.61 1.36 21.70
C PRO B 33 3.97 2.19 20.47
N GLY B 34 3.01 2.38 19.56
CA GLY B 34 3.20 3.23 18.39
C GLY B 34 3.80 2.48 17.21
N SER B 35 4.23 1.24 17.42
CA SER B 35 5.05 0.58 16.41
C SER B 35 4.30 0.16 15.16
N LEU B 36 2.97 0.08 15.19
CA LEU B 36 2.25 -0.17 13.93
C LEU B 36 1.78 1.11 13.25
N GLY B 37 2.22 2.26 13.72
CA GLY B 37 2.19 3.47 12.92
C GLY B 37 0.79 3.85 12.46
N ARG B 38 0.66 4.04 11.15
CA ARG B 38 -0.59 4.51 10.59
C ARG B 38 -1.64 3.41 10.57
N LEU B 39 -1.29 2.15 10.78
CA LEU B 39 -2.32 1.11 10.93
C LEU B 39 -3.08 1.39 12.26
N GLU B 40 -2.34 1.82 13.28
CA GLU B 40 -2.95 2.23 14.55
C GLU B 40 -3.89 3.40 14.36
N THR B 41 -3.42 4.43 13.68
CA THR B 41 -4.21 5.61 13.51
C THR B 41 -5.44 5.33 12.70
N LEU B 42 -5.32 4.50 11.68
CA LEU B 42 -6.47 4.09 10.88
C LEU B 42 -7.49 3.31 11.73
N ALA B 43 -7.03 2.39 12.57
CA ALA B 43 -7.96 1.63 13.43
C ALA B 43 -8.75 2.59 14.34
N VAL B 44 -8.08 3.59 14.86
CA VAL B 44 -8.72 4.59 15.73
C VAL B 44 -9.72 5.43 14.92
N GLN B 45 -9.36 5.82 13.71
CA GLN B 45 -10.24 6.62 12.87
C GLN B 45 -11.52 5.84 12.62
N LEU B 46 -11.37 4.54 12.29
CA LEU B 46 -12.50 3.62 12.07
C LEU B 46 -13.36 3.50 13.32
N ALA B 47 -12.73 3.33 14.48
CA ALA B 47 -13.45 3.13 15.75
C ALA B 47 -14.38 4.28 16.01
N GLY B 48 -14.01 5.46 15.54
CA GLY B 48 -14.88 6.63 15.72
C GLY B 48 -16.07 6.75 14.84
N MET B 49 -16.19 5.94 13.81
CA MET B 49 -17.23 6.11 12.80
C MET B 49 -18.47 5.40 13.32
N PRO B 50 -19.57 6.12 13.62
CA PRO B 50 -20.72 5.49 14.35
C PRO B 50 -21.37 4.32 13.66
N GLY B 51 -21.28 4.21 12.36
CA GLY B 51 -21.81 3.05 11.65
C GLY B 51 -21.11 1.75 11.90
N LEU B 52 -19.89 1.84 12.40
CA LEU B 52 -19.10 0.68 12.73
C LEU B 52 -19.32 0.23 14.17
N ASN B 53 -20.19 0.88 14.91
CA ASN B 53 -20.57 0.31 16.20
C ASN B 53 -19.35 0.09 17.16
N GLY B 54 -18.44 1.04 17.16
CA GLY B 54 -17.50 1.22 18.25
C GLY B 54 -16.12 0.64 18.10
N THR B 55 -15.87 0.03 16.97
CA THR B 55 -14.73 -0.82 16.85
C THR B 55 -14.36 -0.79 15.38
N PRO B 56 -13.07 -0.89 15.01
CA PRO B 56 -12.81 -1.08 13.60
C PRO B 56 -13.38 -2.43 13.23
N GLN B 57 -14.22 -2.46 12.23
CA GLN B 57 -14.63 -3.72 11.67
C GLN B 57 -14.90 -3.50 10.22
N VAL B 58 -14.85 -4.60 9.48
CA VAL B 58 -15.20 -4.63 8.08
C VAL B 58 -16.13 -5.81 7.84
N GLY B 59 -17.27 -5.49 7.27
CA GLY B 59 -18.24 -6.47 6.81
C GLY B 59 -18.13 -6.60 5.33
N GLU B 60 -19.21 -6.30 4.62
CA GLU B 60 -19.20 -6.30 3.18
C GLU B 60 -18.63 -5.01 2.64
N LYS B 61 -18.11 -5.11 1.43
CA LYS B 61 -17.41 -3.98 0.76
C LYS B 61 -17.97 -3.70 -0.60
N ALA B 62 -18.09 -2.42 -0.96
CA ALA B 62 -18.67 -2.04 -2.24
C ALA B 62 -17.91 -0.89 -2.85
N VAL B 63 -17.58 -0.99 -4.12
CA VAL B 63 -16.95 0.08 -4.88
C VAL B 63 -18.05 0.60 -5.80
N LEU B 64 -18.37 1.89 -5.70
CA LEU B 64 -19.44 2.50 -6.51
C LEU B 64 -18.78 3.30 -7.63
N VAL B 65 -19.03 2.93 -8.89
CA VAL B 65 -18.34 3.48 -10.02
C VAL B 65 -19.31 4.34 -10.81
N MET B 66 -19.10 5.66 -10.82
CA MET B 66 -20.04 6.60 -11.33
C MET B 66 -19.68 6.92 -12.78
N CYS B 67 -20.58 6.67 -13.71
CA CYS B 67 -20.28 6.74 -15.14
C CYS B 67 -21.06 7.85 -15.85
N ALA B 68 -20.41 8.68 -16.65
CA ALA B 68 -21.12 9.74 -17.39
C ALA B 68 -20.27 10.27 -18.47
N ASP B 69 -20.93 10.90 -19.43
CA ASP B 69 -20.22 11.62 -20.51
C ASP B 69 -20.28 13.15 -20.27
N HIS B 70 -19.36 13.83 -20.98
CA HIS B 70 -19.04 15.27 -20.75
C HIS B 70 -19.10 16.01 -22.04
N GLY B 71 -19.84 17.10 -22.04
CA GLY B 71 -19.89 17.97 -23.20
C GLY B 71 -18.53 18.50 -23.63
N VAL B 72 -17.63 18.70 -22.67
CA VAL B 72 -16.33 19.29 -22.92
C VAL B 72 -15.44 18.38 -23.74
N TRP B 73 -15.86 17.13 -23.94
CA TRP B 73 -15.13 16.26 -24.86
C TRP B 73 -14.98 16.93 -26.25
N ASP B 74 -15.96 17.73 -26.64
CA ASP B 74 -15.94 18.43 -27.91
C ASP B 74 -14.82 19.43 -28.06
N GLU B 75 -14.20 19.83 -26.96
CA GLU B 75 -13.11 20.78 -27.04
C GLU B 75 -11.74 20.17 -27.27
N GLY B 76 -11.66 18.85 -27.44
CA GLY B 76 -10.41 18.19 -27.79
C GLY B 76 -9.47 17.86 -26.65
N VAL B 77 -10.07 17.74 -25.48
CA VAL B 77 -9.35 17.46 -24.27
C VAL B 77 -9.14 15.99 -23.91
N ALA B 78 -9.75 15.09 -24.70
CA ALA B 78 -9.61 13.67 -24.40
C ALA B 78 -9.13 12.91 -25.62
N VAL B 79 -8.31 11.88 -25.46
CA VAL B 79 -7.79 11.18 -26.64
C VAL B 79 -8.67 9.98 -27.03
N TYR B 80 -9.54 9.45 -26.16
CA TYR B 80 -10.43 8.37 -26.58
C TYR B 80 -11.78 8.83 -27.09
N PRO B 81 -12.34 8.17 -28.11
CA PRO B 81 -13.68 8.45 -28.54
C PRO B 81 -14.68 8.41 -27.37
N LYS B 82 -15.70 9.25 -27.43
CA LYS B 82 -16.67 9.35 -26.36
C LYS B 82 -17.36 8.04 -26.05
N ILE B 83 -17.63 7.22 -27.09
CA ILE B 83 -18.25 5.92 -26.89
C ILE B 83 -17.49 4.97 -25.93
N VAL B 84 -16.22 5.21 -25.69
CA VAL B 84 -15.46 4.38 -24.75
C VAL B 84 -16.09 4.41 -23.35
N THR B 85 -16.71 5.50 -22.92
CA THR B 85 -17.40 5.48 -21.65
C THR B 85 -18.45 4.34 -21.56
N ALA B 86 -19.33 4.30 -22.57
CA ALA B 86 -20.41 3.30 -22.62
C ALA B 86 -19.82 1.89 -22.77
N ILE B 87 -18.78 1.76 -23.58
CA ILE B 87 -18.14 0.47 -23.77
C ILE B 87 -17.59 0.01 -22.43
N MET B 88 -16.88 0.89 -21.73
CA MET B 88 -16.31 0.51 -20.46
C MET B 88 -17.35 0.22 -19.38
N ALA B 89 -18.46 0.95 -19.38
CA ALA B 89 -19.49 0.68 -18.37
C ALA B 89 -20.06 -0.72 -18.58
N ALA B 90 -20.25 -1.10 -19.83
CA ALA B 90 -20.73 -2.44 -20.15
C ALA B 90 -19.68 -3.49 -19.77
N ASN B 91 -18.41 -3.20 -20.01
CA ASN B 91 -17.34 -4.12 -19.61
C ASN B 91 -17.33 -4.28 -18.10
N MET B 92 -17.73 -3.26 -17.35
CA MET B 92 -17.84 -3.39 -15.90
C MET B 92 -18.86 -4.41 -15.47
N THR B 93 -19.91 -4.59 -16.26
CA THR B 93 -20.92 -5.59 -15.92
C THR B 93 -20.38 -7.00 -16.16
N ARG B 94 -19.33 -7.13 -16.97
CA ARG B 94 -18.75 -8.42 -17.38
C ARG B 94 -17.52 -8.79 -16.51
N GLY B 95 -17.07 -7.90 -15.62
CA GLY B 95 -16.00 -8.24 -14.71
C GLY B 95 -14.58 -8.22 -15.27
N THR B 96 -14.37 -7.51 -16.38
CA THR B 96 -13.12 -7.52 -17.10
C THR B 96 -12.25 -6.25 -16.93
N THR B 97 -12.76 -5.26 -16.21
CA THR B 97 -12.02 -4.02 -15.99
C THR B 97 -11.09 -4.09 -14.78
N GLY B 98 -10.18 -3.13 -14.71
CA GLY B 98 -9.26 -3.04 -13.59
C GLY B 98 -9.93 -3.01 -12.24
N VAL B 99 -10.91 -2.14 -12.07
CA VAL B 99 -11.61 -2.10 -10.79
C VAL B 99 -12.31 -3.44 -10.49
N CYS B 100 -12.89 -4.08 -11.48
CA CYS B 100 -13.59 -5.34 -11.22
C CYS B 100 -12.62 -6.38 -10.70
N VAL B 101 -11.47 -6.47 -11.36
CA VAL B 101 -10.54 -7.54 -11.03
C VAL B 101 -9.93 -7.26 -9.63
N LEU B 102 -9.65 -6.00 -9.33
CA LEU B 102 -9.09 -5.69 -8.01
C LEU B 102 -10.14 -5.74 -6.90
N ALA B 103 -11.37 -5.36 -7.20
CA ALA B 103 -12.47 -5.53 -6.26
C ALA B 103 -12.68 -6.99 -5.93
N ALA B 104 -12.66 -7.84 -6.95
CA ALA B 104 -12.84 -9.26 -6.72
C ALA B 104 -11.73 -9.78 -5.85
N GLN B 105 -10.51 -9.35 -6.09
CA GLN B 105 -9.39 -9.79 -5.25
C GLN B 105 -9.57 -9.39 -3.78
N ALA B 106 -10.17 -8.23 -3.55
CA ALA B 106 -10.42 -7.68 -2.22
C ALA B 106 -11.72 -8.18 -1.57
N GLY B 107 -12.47 -8.99 -2.29
CA GLY B 107 -13.74 -9.44 -1.79
C GLY B 107 -14.84 -8.40 -1.76
N ALA B 108 -14.78 -7.46 -2.70
CA ALA B 108 -15.75 -6.36 -2.77
C ALA B 108 -16.63 -6.51 -4.01
N LYS B 109 -17.82 -5.97 -3.92
CA LYS B 109 -18.72 -5.86 -5.08
C LYS B 109 -18.62 -4.50 -5.76
N VAL B 110 -18.63 -4.48 -7.06
CA VAL B 110 -18.65 -3.25 -7.84
C VAL B 110 -20.11 -2.98 -8.20
N HIS B 111 -20.52 -1.74 -7.94
CA HIS B 111 -21.82 -1.21 -8.36
C HIS B 111 -21.54 -0.20 -9.45
N VAL B 112 -21.97 -0.51 -10.67
CA VAL B 112 -21.78 0.37 -11.78
C VAL B 112 -23.02 1.23 -11.91
N ILE B 113 -22.87 2.55 -11.83
CA ILE B 113 -23.98 3.46 -11.76
C ILE B 113 -23.87 4.47 -12.89
N ASP B 114 -24.86 4.49 -13.75
CA ASP B 114 -24.92 5.42 -14.90
C ASP B 114 -25.62 6.65 -14.41
N VAL B 115 -24.84 7.73 -14.25
CA VAL B 115 -25.36 9.03 -13.86
C VAL B 115 -25.48 9.98 -15.04
N GLY B 116 -25.13 9.53 -16.24
CA GLY B 116 -25.40 10.32 -17.45
C GLY B 116 -24.51 9.99 -18.60
N ILE B 117 -24.44 8.70 -18.94
CA ILE B 117 -23.74 8.28 -20.15
C ILE B 117 -24.53 8.74 -21.41
N ASP B 118 -23.85 9.19 -22.46
CA ASP B 118 -24.51 9.61 -23.70
C ASP B 118 -24.67 8.40 -24.60
N ALA B 119 -25.57 7.52 -24.20
CA ALA B 119 -25.84 6.30 -24.94
C ALA B 119 -27.17 5.79 -24.42
N GLU B 120 -27.75 4.81 -25.08
CA GLU B 120 -28.94 4.15 -24.56
C GLU B 120 -28.59 3.46 -23.25
N PRO B 121 -29.55 3.30 -22.34
CA PRO B 121 -29.21 2.62 -21.09
C PRO B 121 -28.66 1.23 -21.32
N ILE B 122 -27.68 0.87 -20.50
CA ILE B 122 -27.02 -0.43 -20.55
C ILE B 122 -27.68 -1.39 -19.60
N PRO B 123 -28.27 -2.51 -20.11
CA PRO B 123 -28.93 -3.35 -19.12
C PRO B 123 -27.91 -3.88 -18.08
N GLY B 124 -28.33 -3.90 -16.81
CA GLY B 124 -27.48 -4.38 -15.72
C GLY B 124 -26.66 -3.29 -15.02
N VAL B 125 -26.74 -2.05 -15.53
CA VAL B 125 -26.12 -0.91 -14.89
C VAL B 125 -27.22 -0.17 -14.13
N VAL B 126 -26.90 0.31 -12.92
CA VAL B 126 -27.86 1.07 -12.13
C VAL B 126 -28.17 2.39 -12.84
N ASN B 127 -29.45 2.70 -13.03
CA ASN B 127 -29.87 3.90 -13.79
C ASN B 127 -30.21 5.02 -12.84
N MET B 128 -29.28 5.98 -12.75
CA MET B 128 -29.52 7.29 -12.14
C MET B 128 -29.20 8.39 -13.13
N ARG B 129 -29.62 8.25 -14.38
CA ARG B 129 -29.13 9.08 -15.47
C ARG B 129 -29.75 10.48 -15.40
N VAL B 130 -28.95 11.54 -15.32
CA VAL B 130 -29.51 12.89 -15.36
C VAL B 130 -29.84 13.32 -16.77
N ALA B 131 -28.93 13.12 -17.70
CA ALA B 131 -29.09 13.51 -19.10
C ALA B 131 -28.10 12.70 -19.91
N ARG B 132 -28.14 12.82 -21.23
CA ARG B 132 -27.18 12.15 -22.08
CA ARG B 132 -27.18 12.13 -22.06
C ARG B 132 -25.93 12.97 -22.22
N GLY B 133 -25.08 12.86 -21.20
CA GLY B 133 -23.93 13.71 -21.09
C GLY B 133 -24.30 15.04 -20.46
N CYS B 134 -23.33 15.62 -19.78
CA CYS B 134 -23.51 16.98 -19.21
C CYS B 134 -23.16 18.07 -20.22
N GLY B 135 -23.57 19.29 -19.87
CA GLY B 135 -23.25 20.43 -20.68
C GLY B 135 -21.76 20.62 -20.79
N ASN B 136 -21.35 21.20 -21.90
CA ASN B 136 -19.96 21.56 -22.16
C ASN B 136 -19.53 22.70 -21.29
N ILE B 137 -18.68 22.41 -20.33
CA ILE B 137 -18.33 23.41 -19.31
C ILE B 137 -17.53 24.58 -19.87
N ALA B 138 -17.00 24.41 -21.07
CA ALA B 138 -16.28 25.47 -21.76
C ALA B 138 -17.18 26.60 -22.21
N VAL B 139 -18.49 26.33 -22.29
CA VAL B 139 -19.43 27.33 -22.82
C VAL B 139 -20.57 27.69 -21.93
N GLY B 140 -20.71 26.99 -20.83
CA GLY B 140 -21.79 27.21 -19.90
C GLY B 140 -21.68 26.14 -18.82
N PRO B 141 -22.74 25.96 -18.02
CA PRO B 141 -22.66 25.06 -16.85
C PRO B 141 -22.81 23.60 -17.27
N ALA B 142 -22.25 22.70 -16.47
CA ALA B 142 -22.47 21.27 -16.65
C ALA B 142 -23.95 20.92 -16.50
N MET B 143 -24.64 21.57 -15.57
CA MET B 143 -25.98 21.18 -15.20
C MET B 143 -26.59 22.29 -14.40
N SER B 144 -27.87 22.17 -14.10
CA SER B 144 -28.49 23.15 -13.20
C SER B 144 -28.21 22.82 -11.75
N ARG B 145 -28.35 23.79 -10.86
CA ARG B 145 -28.20 23.52 -9.42
C ARG B 145 -29.18 22.47 -8.95
N LEU B 146 -30.42 22.53 -9.43
CA LEU B 146 -31.42 21.54 -9.06
C LEU B 146 -30.97 20.13 -9.45
N GLN B 147 -30.41 19.99 -10.66
CA GLN B 147 -29.94 18.69 -11.12
C GLN B 147 -28.83 18.14 -10.22
N ALA B 148 -27.90 19.00 -9.83
CA ALA B 148 -26.80 18.56 -8.95
C ALA B 148 -27.35 18.14 -7.60
N GLU B 149 -28.25 18.95 -7.03
CA GLU B 149 -28.82 18.63 -5.73
C GLU B 149 -29.62 17.34 -5.76
N ALA B 150 -30.38 17.12 -6.82
CA ALA B 150 -31.19 15.91 -6.92
C ALA B 150 -30.30 14.67 -7.04
N LEU B 151 -29.22 14.77 -7.81
CA LEU B 151 -28.32 13.62 -7.99
C LEU B 151 -27.53 13.34 -6.69
N LEU B 152 -27.07 14.38 -6.01
CA LEU B 152 -26.44 14.19 -4.66
C LEU B 152 -27.35 13.43 -3.73
N LEU B 153 -28.62 13.82 -3.67
CA LEU B 153 -29.56 13.12 -2.77
C LEU B 153 -29.79 11.68 -3.20
N GLU B 154 -30.01 11.45 -4.48
CA GLU B 154 -30.23 10.09 -4.97
C GLU B 154 -29.05 9.16 -4.68
N VAL B 155 -27.83 9.63 -4.92
CA VAL B 155 -26.67 8.78 -4.73
C VAL B 155 -26.38 8.56 -3.26
N SER B 156 -26.51 9.62 -2.46
CA SER B 156 -26.33 9.51 -1.01
CA SER B 156 -26.28 9.46 -1.04
C SER B 156 -27.29 8.48 -0.44
N ARG B 157 -28.55 8.52 -0.88
CA ARG B 157 -29.54 7.56 -0.40
C ARG B 157 -29.21 6.12 -0.81
N TYR B 158 -28.77 5.93 -2.05
CA TYR B 158 -28.39 4.61 -2.53
C TYR B 158 -27.25 4.03 -1.71
N THR B 159 -26.29 4.88 -1.41
CA THR B 159 -25.11 4.49 -0.71
C THR B 159 -25.43 4.07 0.72
N CYS B 160 -26.14 4.90 1.47
CA CYS B 160 -26.46 4.54 2.82
C CYS B 160 -27.41 3.34 2.87
N ASP B 161 -28.28 3.14 1.86
CA ASP B 161 -29.14 1.95 1.79
C ASP B 161 -28.32 0.65 1.70
N LEU B 162 -27.10 0.73 1.17
CA LEU B 162 -26.25 -0.42 1.11
C LEU B 162 -25.80 -0.90 2.47
N ALA B 163 -25.74 -0.01 3.48
CA ALA B 163 -25.54 -0.47 4.86
C ALA B 163 -26.55 -1.55 5.32
N GLN B 164 -27.75 -1.58 4.75
CA GLN B 164 -28.78 -2.61 5.08
C GLN B 164 -28.46 -4.01 4.60
N ARG B 165 -27.59 -4.08 3.62
CA ARG B 165 -27.18 -5.30 2.99
C ARG B 165 -25.84 -5.68 3.58
N GLY B 166 -25.44 -5.01 4.66
CA GLY B 166 -24.22 -5.36 5.37
C GLY B 166 -22.95 -4.64 4.94
N VAL B 167 -23.04 -3.65 4.06
CA VAL B 167 -21.82 -2.98 3.59
C VAL B 167 -21.35 -2.03 4.70
N THR B 168 -20.07 -2.14 5.03
CA THR B 168 -19.44 -1.29 6.03
C THR B 168 -18.29 -0.45 5.46
N LEU B 169 -17.84 -0.70 4.24
CA LEU B 169 -16.69 -0.03 3.68
C LEU B 169 -16.99 0.21 2.23
N PHE B 170 -16.93 1.49 1.84
CA PHE B 170 -17.13 1.93 0.49
C PHE B 170 -15.84 2.32 -0.17
N GLY B 171 -15.81 2.25 -1.48
CA GLY B 171 -14.81 2.88 -2.33
C GLY B 171 -15.54 3.65 -3.40
N VAL B 172 -14.90 4.67 -3.94
CA VAL B 172 -15.51 5.47 -5.00
CA VAL B 172 -15.50 5.48 -4.99
C VAL B 172 -14.67 5.45 -6.26
N GLY B 173 -15.32 5.48 -7.39
CA GLY B 173 -14.66 5.52 -8.67
C GLY B 173 -15.53 6.19 -9.71
N GLU B 174 -15.01 6.27 -10.94
CA GLU B 174 -15.70 6.89 -12.05
C GLU B 174 -15.30 6.26 -13.39
N MET B 175 -16.10 6.57 -14.40
CA MET B 175 -15.76 6.34 -15.78
C MET B 175 -16.38 7.43 -16.62
N GLY B 176 -15.61 8.16 -17.42
CA GLY B 176 -16.15 9.27 -18.17
C GLY B 176 -15.06 9.88 -19.00
N MET B 177 -15.10 9.69 -20.31
CA MET B 177 -14.10 10.29 -21.12
C MET B 177 -14.16 11.82 -20.96
N ALA B 178 -13.00 12.44 -20.86
CA ALA B 178 -12.78 13.88 -20.67
C ALA B 178 -12.91 14.34 -19.25
N ASN B 179 -13.20 13.48 -18.28
CA ASN B 179 -13.54 13.96 -16.96
C ASN B 179 -12.40 14.51 -16.12
N THR B 180 -11.16 14.36 -16.59
CA THR B 180 -10.03 14.98 -15.85
C THR B 180 -10.04 16.51 -16.11
N THR B 181 -10.81 16.96 -17.08
CA THR B 181 -10.97 18.41 -17.35
C THR B 181 -11.83 19.10 -16.29
N PRO B 182 -13.09 18.68 -16.09
CA PRO B 182 -13.81 19.23 -14.92
C PRO B 182 -13.13 18.95 -13.59
N ALA B 183 -12.47 17.82 -13.44
CA ALA B 183 -11.79 17.55 -12.15
C ALA B 183 -10.75 18.64 -11.91
N ALA B 184 -9.97 18.99 -12.92
CA ALA B 184 -8.95 20.04 -12.75
C ALA B 184 -9.57 21.40 -12.53
N ALA B 185 -10.68 21.68 -13.21
CA ALA B 185 -11.37 22.94 -12.98
C ALA B 185 -11.79 23.04 -11.53
N MET B 186 -12.39 22.00 -10.98
CA MET B 186 -12.83 22.08 -9.57
C MET B 186 -11.64 22.23 -8.63
N VAL B 187 -10.57 21.48 -8.86
CA VAL B 187 -9.41 21.57 -7.99
C VAL B 187 -8.84 23.00 -8.03
N SER B 188 -8.74 23.56 -9.24
CA SER B 188 -8.33 24.96 -9.44
C SER B 188 -9.19 25.90 -8.62
N VAL B 189 -10.49 25.77 -8.69
CA VAL B 189 -11.41 26.66 -7.97
C VAL B 189 -11.27 26.49 -6.46
N PHE B 190 -11.26 25.27 -5.95
CA PHE B 190 -11.25 25.09 -4.49
C PHE B 190 -9.90 25.47 -3.87
N THR B 191 -8.82 25.21 -4.59
CA THR B 191 -7.50 25.39 -4.00
C THR B 191 -6.87 26.72 -4.34
N GLY B 192 -7.42 27.41 -5.35
CA GLY B 192 -6.85 28.68 -5.85
C GLY B 192 -5.67 28.54 -6.79
N SER B 193 -5.32 27.31 -7.14
CA SER B 193 -4.17 27.04 -7.99
C SER B 193 -4.48 27.38 -9.45
N ASP B 194 -3.53 27.90 -10.23
CA ASP B 194 -3.78 28.06 -11.66
C ASP B 194 -3.94 26.71 -12.32
N ALA B 195 -4.75 26.66 -13.37
CA ALA B 195 -4.98 25.45 -14.14
C ALA B 195 -3.70 24.73 -14.55
N LYS B 196 -2.65 25.48 -14.94
CA LYS B 196 -1.40 24.82 -15.34
C LYS B 196 -0.79 23.88 -14.29
N GLU B 197 -1.02 24.19 -13.00
CA GLU B 197 -0.48 23.45 -11.88
C GLU B 197 -1.23 22.15 -11.65
N VAL B 198 -2.44 22.05 -12.19
CA VAL B 198 -3.31 20.89 -11.87
C VAL B 198 -3.85 20.14 -13.09
N VAL B 199 -3.49 20.51 -14.30
CA VAL B 199 -3.92 19.80 -15.53
C VAL B 199 -2.86 18.84 -15.96
N GLY B 200 -3.22 17.55 -15.96
CA GLY B 200 -2.33 16.48 -16.41
C GLY B 200 -2.72 15.84 -17.74
N ILE B 201 -2.07 14.72 -18.03
CA ILE B 201 -2.29 13.99 -19.26
C ILE B 201 -3.56 13.16 -19.24
N GLY B 202 -4.22 13.00 -18.10
CA GLY B 202 -5.41 12.16 -18.14
C GLY B 202 -5.10 10.78 -18.68
N ALA B 203 -5.98 10.32 -19.57
CA ALA B 203 -5.80 9.04 -20.22
C ALA B 203 -4.85 9.23 -21.43
N ASN B 204 -3.57 9.42 -21.13
CA ASN B 204 -2.49 9.58 -22.14
C ASN B 204 -2.75 10.58 -23.24
N LEU B 205 -3.22 11.75 -22.85
CA LEU B 205 -3.30 12.84 -23.79
C LEU B 205 -1.88 13.17 -24.25
N PRO B 206 -1.68 13.32 -25.58
CA PRO B 206 -0.36 13.77 -26.06
C PRO B 206 0.10 15.08 -25.42
N PRO B 207 1.38 15.15 -24.98
CA PRO B 207 1.80 16.40 -24.35
C PRO B 207 1.56 17.67 -25.18
N SER B 208 1.56 17.59 -26.52
CA SER B 208 1.32 18.76 -27.37
C SER B 208 -0.12 19.27 -27.30
N ARG B 209 -1.02 18.50 -26.69
CA ARG B 209 -2.43 18.91 -26.55
CA ARG B 209 -2.42 18.91 -26.54
C ARG B 209 -2.72 19.43 -25.13
N ILE B 210 -1.73 19.46 -24.25
CA ILE B 210 -1.89 19.95 -22.88
C ILE B 210 -2.22 21.45 -22.84
N ASP B 211 -1.54 22.29 -23.64
CA ASP B 211 -1.82 23.73 -23.58
C ASP B 211 -3.29 24.01 -23.82
N ASN B 212 -3.86 23.36 -24.82
CA ASN B 212 -5.30 23.47 -25.10
C ASN B 212 -6.17 23.07 -23.91
N LYS B 213 -5.77 22.02 -23.20
CA LYS B 213 -6.57 21.58 -22.08
C LYS B 213 -6.55 22.61 -20.94
N VAL B 214 -5.37 23.18 -20.73
CA VAL B 214 -5.21 24.23 -19.75
C VAL B 214 -6.11 25.42 -20.15
N ASP B 215 -6.08 25.80 -21.42
CA ASP B 215 -6.94 26.89 -21.91
C ASP B 215 -8.42 26.62 -21.67
N VAL B 216 -8.84 25.38 -21.88
CA VAL B 216 -10.25 25.02 -21.73
C VAL B 216 -10.64 25.11 -20.26
N VAL B 217 -9.77 24.62 -19.38
CA VAL B 217 -10.07 24.69 -17.98
C VAL B 217 -10.24 26.17 -17.54
N ARG B 218 -9.32 27.03 -17.97
CA ARG B 218 -9.44 28.43 -17.62
C ARG B 218 -10.71 29.06 -18.16
N ARG B 219 -11.07 28.71 -19.40
CA ARG B 219 -12.31 29.18 -20.06
CA ARG B 219 -12.28 29.22 -20.01
C ARG B 219 -13.51 28.78 -19.25
N ALA B 220 -13.56 27.51 -18.87
CA ALA B 220 -14.70 27.02 -18.10
C ALA B 220 -14.93 27.79 -16.81
N ILE B 221 -13.84 28.06 -16.07
CA ILE B 221 -13.90 28.87 -14.86
C ILE B 221 -14.33 30.32 -15.17
N ALA B 222 -13.72 30.92 -16.17
CA ALA B 222 -14.03 32.30 -16.54
C ALA B 222 -15.53 32.43 -16.87
N ILE B 223 -16.03 31.55 -17.72
CA ILE B 223 -17.40 31.60 -18.20
C ILE B 223 -18.41 31.38 -17.10
N ASN B 224 -18.14 30.43 -16.23
CA ASN B 224 -19.13 30.07 -15.26
C ASN B 224 -19.06 30.78 -13.92
N GLN B 225 -17.90 31.30 -13.57
CA GLN B 225 -17.71 31.99 -12.27
C GLN B 225 -18.20 31.19 -11.08
N PRO B 226 -17.67 29.96 -10.92
CA PRO B 226 -18.08 29.15 -9.77
C PRO B 226 -17.65 29.80 -8.45
N ASN B 227 -18.48 29.68 -7.43
CA ASN B 227 -18.14 30.25 -6.11
C ASN B 227 -17.45 29.18 -5.28
N PRO B 228 -16.16 29.32 -4.95
CA PRO B 228 -15.42 28.30 -4.22
C PRO B 228 -16.00 28.00 -2.85
N ARG B 229 -16.77 28.91 -2.27
CA ARG B 229 -17.40 28.66 -0.95
C ARG B 229 -18.76 27.95 -1.06
N ASP B 230 -19.15 27.55 -2.26
CA ASP B 230 -20.42 26.87 -2.45
C ASP B 230 -20.11 25.63 -3.32
N GLY B 231 -19.78 24.52 -2.68
CA GLY B 231 -19.39 23.35 -3.41
C GLY B 231 -20.43 22.83 -4.43
N ILE B 232 -21.72 22.93 -4.11
CA ILE B 232 -22.76 22.57 -5.07
C ILE B 232 -22.71 23.48 -6.31
N ASP B 233 -22.47 24.77 -6.11
CA ASP B 233 -22.31 25.68 -7.25
C ASP B 233 -21.14 25.24 -8.15
N VAL B 234 -20.01 24.91 -7.53
CA VAL B 234 -18.82 24.49 -8.27
C VAL B 234 -19.12 23.20 -9.06
N LEU B 235 -19.68 22.19 -8.40
CA LEU B 235 -20.03 20.95 -9.12
C LEU B 235 -20.95 21.21 -10.29
N SER B 236 -21.98 22.02 -10.07
CA SER B 236 -23.02 22.17 -11.08
C SER B 236 -22.46 22.94 -12.27
N LYS B 237 -21.53 23.86 -12.01
CA LYS B 237 -21.02 24.73 -13.05
CA LYS B 237 -21.02 24.73 -13.05
C LYS B 237 -19.86 24.11 -13.84
N VAL B 238 -18.83 23.65 -13.15
CA VAL B 238 -17.66 23.18 -13.83
CA VAL B 238 -17.57 23.22 -13.79
C VAL B 238 -17.25 21.75 -13.49
N GLY B 239 -18.22 21.02 -12.92
CA GLY B 239 -18.05 19.60 -12.66
C GLY B 239 -18.67 18.75 -13.78
N GLY B 240 -19.26 17.62 -13.35
CA GLY B 240 -19.90 16.71 -14.29
C GLY B 240 -20.73 15.74 -13.43
N PHE B 241 -21.56 14.92 -14.08
CA PHE B 241 -22.45 14.01 -13.34
C PHE B 241 -21.70 12.96 -12.56
N ASP B 242 -20.60 12.43 -13.10
CA ASP B 242 -19.75 11.49 -12.41
C ASP B 242 -19.14 12.08 -11.14
N LEU B 243 -18.60 13.28 -11.24
CA LEU B 243 -18.06 13.96 -10.08
C LEU B 243 -19.12 14.22 -8.99
N VAL B 244 -20.31 14.70 -9.42
CA VAL B 244 -21.43 14.86 -8.49
C VAL B 244 -21.77 13.51 -7.84
N GLY B 245 -21.83 12.45 -8.64
CA GLY B 245 -22.09 11.12 -8.09
C GLY B 245 -21.06 10.71 -7.03
N MET B 246 -19.78 10.96 -7.33
CA MET B 246 -18.74 10.60 -6.38
CA MET B 246 -18.80 10.52 -6.38
C MET B 246 -18.89 11.36 -5.05
N THR B 247 -19.18 12.66 -5.16
CA THR B 247 -19.45 13.48 -3.96
C THR B 247 -20.63 12.90 -3.17
N GLY B 248 -21.65 12.45 -3.88
CA GLY B 248 -22.84 11.89 -3.29
C GLY B 248 -22.52 10.60 -2.51
N VAL B 249 -21.63 9.77 -3.04
CA VAL B 249 -21.21 8.56 -2.29
C VAL B 249 -20.59 8.97 -1.00
N MET B 250 -19.72 9.99 -1.02
CA MET B 250 -19.05 10.42 0.21
C MET B 250 -20.02 10.99 1.24
N LEU B 251 -20.97 11.81 0.75
CA LEU B 251 -22.01 12.35 1.64
C LEU B 251 -22.87 11.24 2.23
N GLY B 252 -23.22 10.23 1.43
CA GLY B 252 -24.01 9.12 1.94
C GLY B 252 -23.28 8.24 2.92
N ALA B 253 -22.03 7.95 2.65
CA ALA B 253 -21.21 7.18 3.62
C ALA B 253 -21.09 7.94 4.93
N ALA B 254 -20.84 9.25 4.86
CA ALA B 254 -20.70 10.05 6.07
C ALA B 254 -22.05 10.09 6.83
N ARG B 255 -23.16 10.27 6.12
CA ARG B 255 -24.49 10.25 6.77
C ARG B 255 -24.71 8.92 7.51
N CYS B 256 -24.25 7.83 6.89
CA CYS B 256 -24.34 6.50 7.49
C CYS B 256 -23.31 6.26 8.59
N GLY B 257 -22.40 7.18 8.82
CA GLY B 257 -21.31 6.95 9.77
C GLY B 257 -20.30 5.90 9.35
N LEU B 258 -20.01 5.80 8.05
CA LEU B 258 -19.21 4.72 7.51
C LEU B 258 -18.07 5.22 6.64
N PRO B 259 -17.02 4.41 6.55
CA PRO B 259 -15.82 4.82 5.80
C PRO B 259 -15.92 4.73 4.32
N VAL B 260 -15.27 5.64 3.61
CA VAL B 260 -15.16 5.59 2.16
CA VAL B 260 -15.15 5.63 2.15
C VAL B 260 -13.71 5.83 1.76
N LEU B 261 -13.19 4.94 0.94
CA LEU B 261 -11.85 5.02 0.39
C LEU B 261 -11.91 5.83 -0.91
N LEU B 262 -11.02 6.81 -0.99
CA LEU B 262 -10.81 7.57 -2.18
C LEU B 262 -9.96 6.76 -3.14
N ASP B 263 -9.87 7.29 -4.33
CA ASP B 263 -9.11 6.68 -5.44
C ASP B 263 -8.02 7.65 -5.87
N GLY B 264 -8.14 8.26 -7.05
CA GLY B 264 -7.13 9.19 -7.55
C GLY B 264 -7.69 10.60 -7.70
N PHE B 265 -7.20 11.33 -8.72
CA PHE B 265 -7.48 12.75 -8.84
C PHE B 265 -8.96 13.12 -8.98
N LEU B 266 -9.72 12.37 -9.74
CA LEU B 266 -11.14 12.61 -9.85
C LEU B 266 -11.77 12.56 -8.47
N SER B 267 -11.42 11.52 -7.71
CA SER B 267 -11.99 11.40 -6.39
C SER B 267 -11.49 12.50 -5.43
N TYR B 268 -10.25 12.96 -5.58
CA TYR B 268 -9.79 14.07 -4.72
C TYR B 268 -10.63 15.32 -4.99
N SER B 269 -10.92 15.56 -6.29
CA SER B 269 -11.73 16.72 -6.69
CA SER B 269 -11.73 16.70 -6.70
C SER B 269 -13.12 16.64 -6.07
N ALA B 270 -13.76 15.48 -6.14
CA ALA B 270 -15.05 15.27 -5.50
C ALA B 270 -15.00 15.35 -3.99
N ALA B 271 -13.88 14.90 -3.42
CA ALA B 271 -13.71 15.07 -1.96
C ALA B 271 -13.57 16.50 -1.53
N LEU B 272 -12.87 17.30 -2.33
CA LEU B 272 -12.78 18.73 -1.99
C LEU B 272 -14.20 19.33 -2.02
N ALA B 273 -15.02 18.97 -3.03
CA ALA B 273 -16.41 19.44 -3.08
C ALA B 273 -17.19 18.96 -1.87
N ALA B 274 -17.06 17.70 -1.53
CA ALA B 274 -17.85 17.13 -0.44
C ALA B 274 -17.53 17.84 0.88
N CYS B 275 -16.24 18.11 1.11
CA CYS B 275 -15.79 18.70 2.39
C CYS B 275 -16.16 20.17 2.46
N GLN B 276 -16.29 20.84 1.32
CA GLN B 276 -16.76 22.22 1.32
CA GLN B 276 -16.75 22.23 1.31
C GLN B 276 -18.23 22.26 1.64
N ILE B 277 -19.01 21.36 1.02
CA ILE B 277 -20.45 21.23 1.23
C ILE B 277 -20.76 20.90 2.68
N ALA B 278 -20.04 19.93 3.23
CA ALA B 278 -20.27 19.47 4.61
C ALA B 278 -18.92 19.08 5.20
N PRO B 279 -18.25 19.96 5.94
CA PRO B 279 -17.00 19.61 6.61
C PRO B 279 -17.08 18.31 7.43
N ALA B 280 -18.26 17.96 7.91
CA ALA B 280 -18.45 16.77 8.70
C ALA B 280 -18.17 15.48 7.91
N VAL B 281 -18.07 15.58 6.58
CA VAL B 281 -17.71 14.41 5.78
C VAL B 281 -16.27 13.95 6.03
N ARG B 282 -15.37 14.88 6.33
CA ARG B 282 -13.96 14.60 6.28
C ARG B 282 -13.47 13.41 7.14
N PRO B 283 -13.96 13.25 8.38
CA PRO B 283 -13.45 12.12 9.18
C PRO B 283 -13.78 10.74 8.63
N TYR B 284 -14.64 10.67 7.61
CA TYR B 284 -15.04 9.41 7.02
C TYR B 284 -14.22 9.02 5.83
N LEU B 285 -13.44 9.96 5.30
CA LEU B 285 -12.66 9.71 4.12
C LEU B 285 -11.31 9.06 4.45
N ILE B 286 -10.94 8.06 3.66
CA ILE B 286 -9.66 7.37 3.81
C ILE B 286 -8.96 7.42 2.48
N PRO B 287 -7.73 7.95 2.43
CA PRO B 287 -7.02 7.90 1.16
C PRO B 287 -6.59 6.45 0.87
N SER B 288 -6.42 6.12 -0.42
CA SER B 288 -5.86 4.86 -0.84
C SER B 288 -4.43 5.06 -1.31
N HIS B 289 -4.29 5.58 -2.52
CA HIS B 289 -3.00 5.76 -3.15
C HIS B 289 -2.76 7.21 -3.52
N PHE B 290 -1.50 7.51 -3.79
CA PHE B 290 -1.04 8.81 -4.28
C PHE B 290 -0.94 8.68 -5.77
N SER B 291 -1.96 9.16 -6.44
CA SER B 291 -2.01 8.89 -7.89
C SER B 291 -0.92 9.67 -8.64
N ALA B 292 -0.59 9.17 -9.83
CA ALA B 292 0.41 9.73 -10.72
C ALA B 292 -0.27 10.62 -11.70
N GLU B 293 -0.92 11.63 -11.16
CA GLU B 293 -1.63 12.64 -11.93
C GLU B 293 -1.09 13.99 -11.46
N LYS B 294 -0.90 14.94 -12.40
CA LYS B 294 -0.22 16.19 -12.06
C LYS B 294 -0.77 16.92 -10.80
N GLY B 295 -2.04 17.02 -10.73
CA GLY B 295 -2.69 17.79 -9.64
C GLY B 295 -2.84 17.06 -8.30
N ALA B 296 -2.33 15.86 -8.23
CA ALA B 296 -2.59 15.05 -7.06
C ALA B 296 -2.04 15.68 -5.80
N ARG B 297 -0.79 16.12 -5.83
CA ARG B 297 -0.14 16.62 -4.64
C ARG B 297 -0.87 17.83 -4.06
N ILE B 298 -1.29 18.73 -4.93
CA ILE B 298 -2.04 19.92 -4.51
C ILE B 298 -3.38 19.55 -3.89
N ALA B 299 -4.08 18.64 -4.55
CA ALA B 299 -5.39 18.28 -4.05
C ALA B 299 -5.29 17.58 -2.69
N LEU B 300 -4.37 16.62 -2.55
CA LEU B 300 -4.15 15.92 -1.31
C LEU B 300 -3.71 16.88 -0.22
N ALA B 301 -2.82 17.83 -0.53
CA ALA B 301 -2.43 18.87 0.47
C ALA B 301 -3.61 19.64 1.01
N HIS B 302 -4.53 20.00 0.14
CA HIS B 302 -5.70 20.72 0.58
C HIS B 302 -6.67 19.89 1.39
N LEU B 303 -6.64 18.59 1.18
CA LEU B 303 -7.42 17.64 1.99
C LEU B 303 -6.67 17.22 3.26
N SER B 304 -5.43 17.69 3.47
CA SER B 304 -4.59 17.21 4.58
C SER B 304 -4.50 15.69 4.61
N MET B 305 -4.24 15.09 3.45
CA MET B 305 -4.22 13.64 3.26
C MET B 305 -2.91 13.14 2.76
N GLU B 306 -2.49 12.03 3.35
CA GLU B 306 -1.26 11.34 2.98
C GLU B 306 -1.62 9.90 2.67
N PRO B 307 -1.68 9.54 1.37
CA PRO B 307 -2.06 8.17 1.04
C PRO B 307 -1.10 7.09 1.53
N TYR B 308 -1.61 5.88 1.61
CA TYR B 308 -0.85 4.73 2.08
C TYR B 308 -0.04 4.09 0.99
N LEU B 309 -0.54 4.11 -0.22
CA LEU B 309 0.08 3.40 -1.35
C LEU B 309 0.69 4.33 -2.36
N HIS B 310 1.91 4.01 -2.78
CA HIS B 310 2.66 4.77 -3.80
C HIS B 310 2.91 3.83 -4.97
N MET B 311 1.94 3.75 -5.86
CA MET B 311 1.92 2.78 -6.96
C MET B 311 2.07 3.44 -8.34
N ALA B 312 2.28 4.75 -8.42
CA ALA B 312 2.25 5.50 -9.68
C ALA B 312 1.05 5.14 -10.53
N MET B 313 -0.07 4.85 -9.88
CA MET B 313 -1.27 4.49 -10.58
C MET B 313 -2.09 5.69 -11.06
N ARG B 314 -2.74 5.52 -12.21
CA ARG B 314 -3.52 6.62 -12.81
C ARG B 314 -4.65 6.09 -13.67
N LEU B 315 -5.17 4.92 -13.34
CA LEU B 315 -6.28 4.33 -14.09
C LEU B 315 -7.65 4.89 -13.73
N GLY B 316 -7.82 5.16 -12.47
CA GLY B 316 -9.11 5.59 -12.00
C GLY B 316 -10.01 4.41 -11.81
N GLU B 317 -11.31 4.62 -11.99
CA GLU B 317 -12.36 3.60 -11.89
C GLU B 317 -12.63 3.11 -10.51
N GLY B 318 -11.97 3.61 -9.48
CA GLY B 318 -12.05 2.95 -8.20
C GLY B 318 -10.99 1.90 -7.95
N SER B 319 -10.10 1.69 -8.91
CA SER B 319 -9.05 0.65 -8.82
C SER B 319 -8.16 0.81 -7.61
N GLY B 320 -7.76 2.05 -7.29
CA GLY B 320 -6.94 2.25 -6.11
C GLY B 320 -7.67 2.06 -4.82
N ALA B 321 -8.92 2.46 -4.79
CA ALA B 321 -9.73 2.22 -3.61
C ALA B 321 -9.82 0.72 -3.30
N ALA B 322 -10.06 -0.07 -4.34
CA ALA B 322 -10.10 -1.51 -4.18
C ALA B 322 -8.79 -2.07 -3.71
N LEU B 323 -7.69 -1.56 -4.26
CA LEU B 323 -6.37 -2.03 -3.86
C LEU B 323 -6.10 -1.80 -2.37
N ALA B 324 -6.66 -0.72 -1.80
CA ALA B 324 -6.46 -0.37 -0.42
C ALA B 324 -7.38 -1.07 0.58
N MET B 325 -8.44 -1.72 0.12
CA MET B 325 -9.35 -2.33 1.06
C MET B 325 -8.67 -3.31 2.01
N PRO B 326 -7.66 -4.08 1.54
CA PRO B 326 -6.98 -4.97 2.51
C PRO B 326 -6.23 -4.25 3.59
N ILE B 327 -5.88 -2.97 3.40
CA ILE B 327 -5.24 -2.20 4.47
C ILE B 327 -6.23 -1.93 5.60
N VAL B 328 -7.44 -1.56 5.24
CA VAL B 328 -8.50 -1.36 6.23
C VAL B 328 -8.77 -2.69 6.97
N GLU B 329 -8.83 -3.80 6.24
CA GLU B 329 -9.01 -5.11 6.87
C GLU B 329 -7.85 -5.42 7.80
N ALA B 330 -6.63 -4.99 7.46
CA ALA B 330 -5.46 -5.23 8.31
C ALA B 330 -5.56 -4.49 9.64
N ALA B 331 -6.06 -3.25 9.60
CA ALA B 331 -6.25 -2.50 10.81
C ALA B 331 -7.24 -3.19 11.71
N CYS B 332 -8.31 -3.74 11.12
CA CYS B 332 -9.30 -4.47 11.90
CA CYS B 332 -9.33 -4.52 11.84
C CYS B 332 -8.71 -5.77 12.46
N ALA B 333 -7.92 -6.49 11.68
CA ALA B 333 -7.30 -7.71 12.17
C ALA B 333 -6.33 -7.48 13.30
N MET B 334 -5.49 -6.46 13.16
CA MET B 334 -4.59 -6.05 14.25
C MET B 334 -5.41 -5.83 15.51
N PHE B 335 -6.44 -5.02 15.39
CA PHE B 335 -7.17 -4.58 16.58
C PHE B 335 -7.86 -5.73 17.29
N HIS B 336 -8.47 -6.65 16.55
CA HIS B 336 -9.28 -7.69 17.16
C HIS B 336 -8.54 -8.98 17.40
N ASN B 337 -7.41 -9.20 16.75
CA ASN B 337 -6.81 -10.52 16.81
C ASN B 337 -5.45 -10.55 17.51
N MET B 338 -4.77 -9.43 17.62
CA MET B 338 -3.52 -9.41 18.36
C MET B 338 -3.67 -9.71 19.84
N GLY B 339 -2.66 -10.37 20.40
CA GLY B 339 -2.57 -10.57 21.83
C GLY B 339 -2.18 -9.28 22.54
N GLU B 340 -2.17 -9.36 23.84
CA GLU B 340 -1.91 -8.23 24.69
C GLU B 340 -0.69 -8.47 25.53
N LEU B 341 0.01 -7.39 25.84
CA LEU B 341 1.22 -7.42 26.66
C LEU B 341 0.90 -8.10 27.96
N ASN B 345 5.45 -2.88 33.36
CA ASN B 345 6.64 -2.54 34.13
C ASN B 345 7.83 -3.43 33.85
N ILE B 346 7.87 -3.94 32.60
CA ILE B 346 8.95 -4.83 32.21
C ILE B 346 10.18 -4.09 31.71
N VAL B 347 10.06 -2.82 31.35
CA VAL B 347 11.19 -2.10 30.73
C VAL B 347 12.37 -1.82 31.67
N LEU B 348 13.56 -1.87 31.08
CA LEU B 348 14.80 -1.51 31.77
C LEU B 348 14.80 -0.01 32.08
N PRO B 349 15.40 0.34 33.22
CA PRO B 349 15.62 1.76 33.47
C PRO B 349 16.54 2.38 32.41
S SO4 C . 11.85 -1.49 -6.64
O1 SO4 C . 12.95 -2.35 -6.20
O2 SO4 C . 12.34 -0.77 -7.86
O3 SO4 C . 10.65 -2.28 -6.97
O4 SO4 C . 11.55 -0.45 -5.67
S SO4 D . 15.69 -3.03 19.52
O1 SO4 D . 15.54 -4.12 20.46
O2 SO4 D . 17.04 -3.09 18.89
O3 SO4 D . 14.64 -3.17 18.50
O4 SO4 D . 15.47 -1.74 20.15
CB PCR E . 6.84 -6.25 23.84
CG PCR E . 7.57 -6.28 22.53
CD1 PCR E . 6.99 -6.89 21.42
CE1 PCR E . 7.67 -6.92 20.22
CD2 PCR E . 8.83 -5.71 22.42
CE2 PCR E . 9.51 -5.74 21.22
CZ PCR E . 8.94 -6.35 20.11
OH PCR E . 9.60 -6.38 18.92
C1 EDO F . 4.25 -2.48 -19.94
O1 EDO F . 5.52 -2.50 -20.59
C2 EDO F . 4.40 -3.17 -18.59
O2 EDO F . 5.18 -2.41 -17.63
C1 GOL G . 15.85 -17.79 -18.37
O1 GOL G . 14.82 -18.69 -18.72
C2 GOL G . 16.21 -17.97 -16.90
O2 GOL G . 17.57 -17.61 -16.69
C3 GOL G . 15.99 -19.41 -16.48
O3 GOL G . 14.61 -19.66 -16.34
C1 EDO H . -1.82 -3.79 0.93
O1 EDO H . -2.53 -4.85 1.59
C2 EDO H . -2.64 -3.30 -0.25
O2 EDO H . -3.31 -4.42 -0.84
S SO4 I . -9.39 11.91 -19.76
O1 SO4 I . -9.18 10.90 -18.73
O2 SO4 I . -8.08 12.08 -20.39
O3 SO4 I . -10.40 11.42 -20.68
O4 SO4 I . -9.87 13.17 -19.19
S SO4 J . -5.09 10.97 6.39
O1 SO4 J . -5.48 9.56 6.52
O2 SO4 J . -3.80 11.06 5.70
O3 SO4 J . -6.14 11.71 5.70
O4 SO4 J . -4.93 11.68 7.71
CB PCR K . -9.52 2.09 -22.81
CG PCR K . -9.77 2.89 -21.56
CD1 PCR K . -9.79 4.28 -21.61
CE1 PCR K . -10.02 5.02 -20.46
CD2 PCR K . -10.01 2.24 -20.35
CE2 PCR K . -10.24 2.98 -19.20
CZ PCR K . -10.25 4.37 -19.26
OH PCR K . -10.48 5.10 -18.13
#